data_6ZPH
#
_entry.id   6ZPH
#
_cell.length_a   1.00
_cell.length_b   1.00
_cell.length_c   1.00
_cell.angle_alpha   90.00
_cell.angle_beta   90.00
_cell.angle_gamma   90.00
#
_symmetry.space_group_name_H-M   'P 1'
#
loop_
_entity.id
_entity.type
_entity.pdbx_description
1 polymer 'KIF-binding protein'
2 polymer 'Kinesin-like protein KIF15'
3 non-polymer "ADENOSINE-5'-DIPHOSPHATE"
4 non-polymer 'MAGNESIUM ION'
#
loop_
_entity_poly.entity_id
_entity_poly.type
_entity_poly.pdbx_seq_one_letter_code
_entity_poly.pdbx_strand_id
1 'polypeptide(L)'
;MANVPWAEVCEKFQAALALSRVELHKNPEKEPYKSKYSARALLEEVKALLGPAPEDEDERPEAEDGPGAGDHALGLPAEV
VEPEGPVAQRAVRLAVIEFHLGVNHIDTEELSAGEEHLVKCLRLLRRYRLSHDCISLCIQAQNNLGILWSEREEIETAQA
YLESSEALYNQYMKEVGSPPLDPTERFLPEEEKLTEQERSKRFEKVYTHNLYYLAQVYQHLEMFEKAAHYCHSTLKRQLE
HNAYHPIEWAINAATLSQFYINKLCFMEARHCLSAANVIFGQTGKISATEDTPEAEGEVPELYHQRKGEIARCWIKYCLT
LMQNAQLSMQDNIGELDLDKQSELRALRKKELDEEESIRKKAVQFGTGELCDAISAVEEKVSYLRPLDFEEARELFLLGQ
HYVFEAKEFFQIDGYVTDHIEVVQDHSALFKVLAFFETDMERRCKMHKRRIAMLEPLTVDLNPQYYLLVNRQIQFEIAHA
YYDMMDLKVAIADRLRDPDSHIVKKINNLNKSALKYYQLFLDSLRDPNKVFPEHIGEDVLRPAMLAKFRVARLYGKIITA
DPKKELENLATSLEHYKFIVDYCEKHPEAAQEIEVELELSKEMVSLLPTKMERFRTKMALT
;
A
2 'polypeptide(L)'
;MAPGSKTELRSVTNGQSNQPSNEGDAIKVFVRIRPPAERSGSADGEQNLSLSVLSSTSLRLHSNPEPKTFTFDHVADVDT
TQESVFATVAKSIVESCMSGYNGTIFAYGQTGSGKTFTMMGPSESDNFSHNLRGVIPRSFEYLFSLIDREKEKAGAGKSF
LSKCSFIEIYNEQIYDLLDSASAGLYLREHIKKGVFVVGAVEQVVTSAAEAYQVLSGGWRNRRVASTSMNRESSRSHAVF
TITIESMEKCNEIVNIRTSLLNLVDLAGSERQKDTHAEGMRLKEAGNINRSLSTLGQVITALVDVGNGKQRHVSYRDSKL
TFLLRDSLGGNAKTAIIANVHPGSRSFGETLSTLNFAQRAKLIKNKAVVNEDTQCLEHHHHHH
;
B
#
loop_
_chem_comp.id
_chem_comp.type
_chem_comp.name
_chem_comp.formula
ADP non-polymer ADENOSINE-5'-DIPHOSPHATE 'C10 H15 N5 O10 P2'
MG non-polymer 'MAGNESIUM ION' 'Mg 2'
#
# COMPACT_ATOMS: atom_id res chain seq x y z
N ASN A 3 -53.12 15.06 -12.42
CA ASN A 3 -51.71 14.86 -12.72
C ASN A 3 -50.94 16.17 -12.54
N VAL A 4 -49.64 16.03 -12.30
CA VAL A 4 -48.78 17.17 -11.99
C VAL A 4 -48.50 17.96 -13.26
N PRO A 5 -48.79 19.28 -13.27
CA PRO A 5 -48.55 20.08 -14.47
C PRO A 5 -47.08 20.41 -14.69
N TRP A 6 -46.80 21.23 -15.71
CA TRP A 6 -45.42 21.44 -16.15
C TRP A 6 -44.64 22.31 -15.17
N ALA A 7 -45.25 23.40 -14.68
CA ALA A 7 -44.55 24.28 -13.76
C ALA A 7 -44.32 23.60 -12.41
N GLU A 8 -45.28 22.78 -11.98
CA GLU A 8 -45.13 22.06 -10.72
C GLU A 8 -44.06 20.98 -10.81
N VAL A 9 -43.97 20.28 -11.95
CA VAL A 9 -42.94 19.26 -12.05
C VAL A 9 -41.57 19.90 -12.26
N CYS A 10 -41.51 21.09 -12.88
CA CYS A 10 -40.23 21.79 -12.98
C CYS A 10 -39.75 22.30 -11.63
N GLU A 11 -40.65 22.83 -10.78
CA GLU A 11 -40.20 23.28 -9.47
C GLU A 11 -39.88 22.10 -8.55
N LYS A 12 -40.58 20.96 -8.72
CA LYS A 12 -40.21 19.76 -8.00
C LYS A 12 -38.82 19.25 -8.40
N PHE A 13 -38.55 19.25 -9.72
CA PHE A 13 -37.22 18.90 -10.23
C PHE A 13 -36.16 19.83 -9.69
N GLN A 14 -36.44 21.14 -9.67
CA GLN A 14 -35.47 22.13 -9.22
C GLN A 14 -35.17 21.99 -7.74
N ALA A 15 -36.20 21.77 -6.91
CA ALA A 15 -35.99 21.59 -5.48
C ALA A 15 -35.22 20.29 -5.19
N ALA A 16 -35.57 19.21 -5.90
CA ALA A 16 -34.91 17.92 -5.68
C ALA A 16 -33.45 17.98 -6.07
N LEU A 17 -33.13 18.47 -7.27
CA LEU A 17 -31.74 18.54 -7.71
C LEU A 17 -30.97 19.58 -6.90
N ALA A 18 -31.63 20.66 -6.48
CA ALA A 18 -30.97 21.71 -5.72
C ALA A 18 -30.52 21.19 -4.36
N LEU A 19 -31.39 20.49 -3.64
CA LEU A 19 -30.96 19.97 -2.34
C LEU A 19 -30.02 18.78 -2.49
N SER A 20 -30.25 17.93 -3.49
CA SER A 20 -29.38 16.76 -3.68
C SER A 20 -28.00 17.14 -4.19
N ARG A 21 -27.81 18.34 -4.71
CA ARG A 21 -26.49 18.82 -5.09
C ARG A 21 -25.94 19.94 -4.22
N VAL A 22 -26.73 20.44 -3.25
CA VAL A 22 -26.17 21.37 -2.28
C VAL A 22 -25.81 20.65 -0.98
N GLU A 23 -26.33 19.43 -0.77
CA GLU A 23 -26.00 18.68 0.44
C GLU A 23 -24.69 17.88 0.33
N LEU A 24 -23.84 18.20 -0.65
CA LEU A 24 -22.58 17.49 -0.83
C LEU A 24 -21.35 18.41 -0.86
N HIS A 25 -21.53 19.74 -0.83
CA HIS A 25 -20.38 20.63 -0.93
C HIS A 25 -19.59 20.66 0.38
N LYS A 26 -20.23 21.13 1.46
CA LYS A 26 -19.71 21.14 2.83
C LYS A 26 -18.38 21.90 2.93
N TYR A 33 -24.75 18.01 12.35
CA TYR A 33 -24.49 16.61 12.68
C TYR A 33 -25.28 15.62 11.85
N LYS A 34 -26.49 15.95 11.45
CA LYS A 34 -27.40 15.02 10.77
C LYS A 34 -28.03 15.68 9.54
N SER A 35 -27.18 16.28 8.71
CA SER A 35 -27.68 16.98 7.53
C SER A 35 -28.12 16.01 6.44
N LYS A 36 -27.40 14.90 6.28
CA LYS A 36 -27.77 13.92 5.25
C LYS A 36 -29.01 13.13 5.62
N TYR A 37 -29.30 12.98 6.92
CA TYR A 37 -30.55 12.36 7.34
C TYR A 37 -31.75 13.21 6.94
N SER A 38 -31.67 14.53 7.17
CA SER A 38 -32.72 15.43 6.73
C SER A 38 -32.75 15.57 5.21
N ALA A 39 -31.60 15.36 4.55
CA ALA A 39 -31.58 15.34 3.09
C ALA A 39 -32.34 14.14 2.55
N ARG A 40 -32.12 12.96 3.14
CA ARG A 40 -32.89 11.76 2.80
C ARG A 40 -34.36 11.95 3.14
N ALA A 41 -34.66 12.66 4.23
CA ALA A 41 -36.04 12.95 4.60
C ALA A 41 -36.72 13.84 3.58
N LEU A 42 -36.00 14.84 3.04
CA LEU A 42 -36.65 15.70 2.05
C LEU A 42 -36.73 15.02 0.69
N LEU A 43 -35.79 14.14 0.36
CA LEU A 43 -35.94 13.38 -0.89
C LEU A 43 -37.08 12.36 -0.81
N GLU A 44 -37.29 11.73 0.34
CA GLU A 44 -38.48 10.90 0.46
C GLU A 44 -39.75 11.74 0.64
N GLU A 45 -39.62 13.00 1.04
CA GLU A 45 -40.76 13.92 1.00
C GLU A 45 -41.14 14.24 -0.44
N VAL A 46 -40.15 14.43 -1.31
CA VAL A 46 -40.43 14.58 -2.75
C VAL A 46 -40.99 13.27 -3.32
N LYS A 47 -40.53 12.13 -2.81
CA LYS A 47 -41.10 10.85 -3.20
C LYS A 47 -42.55 10.69 -2.77
N ALA A 48 -42.93 11.30 -1.65
CA ALA A 48 -44.34 11.39 -1.30
C ALA A 48 -45.07 12.44 -2.15
N LEU A 49 -44.34 13.46 -2.60
CA LEU A 49 -44.93 14.54 -3.38
C LEU A 49 -45.23 14.14 -4.82
N LEU A 50 -44.57 13.08 -5.33
CA LEU A 50 -44.86 12.66 -6.70
C LEU A 50 -46.24 12.01 -6.81
N GLY A 51 -46.76 11.49 -5.71
CA GLY A 51 -48.02 10.77 -5.71
C GLY A 51 -47.92 9.38 -6.29
N PRO A 52 -47.22 8.45 -5.61
CA PRO A 52 -47.07 7.11 -6.17
C PRO A 52 -48.35 6.28 -6.14
N ALA A 53 -49.29 6.61 -5.27
CA ALA A 53 -50.55 5.88 -5.19
C ALA A 53 -51.50 6.32 -6.29
N GLU A 84 -46.44 7.03 -28.85
CA GLU A 84 -46.79 8.00 -27.82
C GLU A 84 -47.83 7.45 -26.86
N GLY A 85 -49.06 7.25 -27.36
CA GLY A 85 -50.15 6.79 -26.54
C GLY A 85 -50.56 7.86 -25.55
N PRO A 86 -50.26 7.64 -24.26
CA PRO A 86 -50.40 8.71 -23.27
C PRO A 86 -49.28 9.73 -23.38
N VAL A 87 -49.24 10.68 -22.44
CA VAL A 87 -48.23 11.73 -22.45
C VAL A 87 -46.89 11.13 -22.07
N ALA A 88 -45.94 11.16 -23.02
CA ALA A 88 -44.60 10.62 -22.78
C ALA A 88 -43.75 11.49 -21.85
N GLN A 89 -44.18 12.73 -21.60
CA GLN A 89 -43.53 13.54 -20.58
C GLN A 89 -43.69 12.94 -19.20
N ARG A 90 -44.84 12.29 -18.94
CA ARG A 90 -45.00 11.52 -17.72
C ARG A 90 -44.07 10.31 -17.69
N ALA A 91 -43.76 9.73 -18.85
CA ALA A 91 -42.85 8.59 -18.90
C ALA A 91 -41.42 9.02 -18.60
N VAL A 92 -40.97 10.14 -19.19
CA VAL A 92 -39.62 10.61 -18.89
C VAL A 92 -39.56 11.16 -17.47
N ARG A 93 -40.69 11.65 -16.93
CA ARG A 93 -40.74 12.07 -15.55
C ARG A 93 -40.61 10.89 -14.60
N LEU A 94 -41.32 9.78 -14.88
CA LEU A 94 -41.20 8.61 -14.02
C LEU A 94 -39.83 7.98 -14.13
N ALA A 95 -39.19 8.06 -15.30
CA ALA A 95 -37.82 7.59 -15.44
C ALA A 95 -36.84 8.41 -14.60
N VAL A 96 -36.95 9.75 -14.66
CA VAL A 96 -35.99 10.56 -13.93
C VAL A 96 -36.26 10.55 -12.42
N ILE A 97 -37.52 10.35 -12.00
CA ILE A 97 -37.75 10.24 -10.56
C ILE A 97 -37.44 8.84 -10.05
N GLU A 98 -37.40 7.82 -10.92
CA GLU A 98 -36.85 6.55 -10.50
C GLU A 98 -35.33 6.62 -10.40
N PHE A 99 -34.70 7.45 -11.24
CA PHE A 99 -33.28 7.76 -11.05
C PHE A 99 -33.05 8.48 -9.72
N HIS A 100 -33.95 9.40 -9.36
CA HIS A 100 -33.87 10.05 -8.06
C HIS A 100 -34.14 9.07 -6.91
N LEU A 101 -34.99 8.07 -7.15
CA LEU A 101 -35.20 6.99 -6.17
C LEU A 101 -33.93 6.17 -6.00
N GLY A 102 -33.20 5.95 -7.10
CA GLY A 102 -31.94 5.23 -7.01
C GLY A 102 -30.87 6.00 -6.26
N VAL A 103 -30.81 7.32 -6.47
CA VAL A 103 -29.82 8.10 -5.72
C VAL A 103 -30.25 8.26 -4.26
N ASN A 104 -31.56 8.22 -3.99
CA ASN A 104 -32.04 8.19 -2.60
C ASN A 104 -31.64 6.87 -1.94
N HIS A 105 -31.77 5.76 -2.65
CA HIS A 105 -31.43 4.47 -2.05
C HIS A 105 -29.94 4.29 -1.88
N ILE A 106 -29.12 4.87 -2.77
CA ILE A 106 -27.67 4.80 -2.53
C ILE A 106 -27.27 5.80 -1.44
N ASP A 107 -28.08 6.83 -1.20
CA ASP A 107 -27.88 7.63 0.01
C ASP A 107 -28.22 6.84 1.27
N THR A 108 -29.23 5.97 1.20
CA THR A 108 -29.53 5.10 2.34
C THR A 108 -28.60 3.90 2.42
N GLU A 109 -28.01 3.49 1.29
CA GLU A 109 -27.27 2.22 1.14
C GLU A 109 -28.13 1.03 1.54
N GLU A 110 -29.43 1.10 1.25
CA GLU A 110 -30.42 0.06 1.51
C GLU A 110 -31.29 -0.11 0.27
N LEU A 111 -30.63 -0.40 -0.85
CA LEU A 111 -31.19 -0.25 -2.18
C LEU A 111 -32.16 -1.36 -2.58
N SER A 112 -32.61 -2.23 -1.66
CA SER A 112 -33.29 -3.47 -2.04
C SER A 112 -34.67 -3.20 -2.63
N ALA A 113 -35.52 -2.46 -1.91
CA ALA A 113 -36.80 -2.04 -2.48
C ALA A 113 -36.58 -1.08 -3.64
N GLY A 114 -35.52 -0.28 -3.58
CA GLY A 114 -35.13 0.51 -4.74
C GLY A 114 -34.70 -0.34 -5.91
N GLU A 115 -34.04 -1.47 -5.63
CA GLU A 115 -33.67 -2.40 -6.70
C GLU A 115 -34.91 -3.00 -7.35
N GLU A 116 -35.91 -3.38 -6.55
CA GLU A 116 -37.14 -3.95 -7.11
C GLU A 116 -37.91 -2.92 -7.92
N HIS A 117 -38.01 -1.68 -7.41
CA HIS A 117 -38.74 -0.65 -8.14
C HIS A 117 -37.99 -0.21 -9.40
N LEU A 118 -36.65 -0.21 -9.36
CA LEU A 118 -35.88 0.14 -10.54
C LEU A 118 -35.91 -0.96 -11.60
N VAL A 119 -35.94 -2.24 -11.19
CA VAL A 119 -36.04 -3.28 -12.22
C VAL A 119 -37.47 -3.34 -12.77
N LYS A 120 -38.47 -2.94 -11.98
CA LYS A 120 -39.81 -2.79 -12.56
C LYS A 120 -39.86 -1.64 -13.56
N CYS A 121 -39.19 -0.52 -13.24
CA CYS A 121 -39.15 0.62 -14.16
C CYS A 121 -38.39 0.28 -15.44
N LEU A 122 -37.25 -0.42 -15.33
CA LEU A 122 -36.54 -0.76 -16.54
C LEU A 122 -37.21 -1.91 -17.29
N ARG A 123 -38.03 -2.71 -16.63
CA ARG A 123 -38.86 -3.67 -17.34
C ARG A 123 -39.92 -2.96 -18.19
N LEU A 124 -40.61 -1.98 -17.60
CA LEU A 124 -41.62 -1.25 -18.38
C LEU A 124 -40.98 -0.30 -19.40
N LEU A 125 -39.70 0.05 -19.24
CA LEU A 125 -39.01 0.79 -20.28
C LEU A 125 -38.44 -0.13 -21.35
N ARG A 126 -38.12 -1.38 -21.00
CA ARG A 126 -37.72 -2.39 -21.97
C ARG A 126 -38.90 -2.87 -22.79
N ARG A 127 -40.12 -2.71 -22.28
CA ARG A 127 -41.31 -2.98 -23.08
C ARG A 127 -41.42 -2.03 -24.27
N TYR A 128 -40.90 -0.82 -24.14
CA TYR A 128 -40.81 0.10 -25.27
C TYR A 128 -39.40 0.09 -25.86
N CYS A 134 -37.16 6.19 -28.62
CA CYS A 134 -36.22 6.12 -27.51
C CYS A 134 -34.87 6.78 -27.87
N ILE A 135 -34.37 7.62 -26.98
CA ILE A 135 -33.12 8.34 -27.21
C ILE A 135 -32.18 8.14 -26.03
N SER A 136 -32.63 8.53 -24.83
CA SER A 136 -31.76 8.56 -23.65
C SER A 136 -32.35 7.89 -22.42
N LEU A 137 -33.63 7.51 -22.44
CA LEU A 137 -34.21 6.78 -21.32
C LEU A 137 -33.55 5.42 -21.16
N CYS A 138 -33.19 4.78 -22.28
CA CYS A 138 -32.50 3.51 -22.23
C CYS A 138 -31.10 3.65 -21.65
N ILE A 139 -30.39 4.74 -21.97
CA ILE A 139 -29.04 4.85 -21.46
C ILE A 139 -29.04 5.26 -19.99
N GLN A 140 -30.02 6.06 -19.54
CA GLN A 140 -30.11 6.35 -18.10
C GLN A 140 -30.53 5.13 -17.31
N ALA A 141 -31.47 4.34 -17.87
CA ALA A 141 -31.84 3.08 -17.24
C ALA A 141 -30.68 2.09 -17.24
N GLN A 142 -29.81 2.16 -18.24
CA GLN A 142 -28.65 1.28 -18.27
C GLN A 142 -27.61 1.70 -17.23
N ASN A 143 -27.44 3.01 -17.01
CA ASN A 143 -26.56 3.47 -15.93
C ASN A 143 -27.06 3.03 -14.57
N ASN A 144 -28.35 3.26 -14.29
CA ASN A 144 -28.89 2.83 -13.00
C ASN A 144 -28.96 1.30 -12.87
N LEU A 145 -29.10 0.60 -13.99
CA LEU A 145 -29.12 -0.86 -13.99
C LEU A 145 -27.75 -1.42 -13.65
N GLY A 146 -26.71 -0.87 -14.27
CA GLY A 146 -25.35 -1.25 -13.92
C GLY A 146 -25.00 -0.88 -12.49
N ILE A 147 -25.52 0.26 -12.00
CA ILE A 147 -25.28 0.66 -10.63
C ILE A 147 -25.94 -0.31 -9.64
N LEU A 148 -27.17 -0.74 -9.93
CA LEU A 148 -27.88 -1.61 -8.99
C LEU A 148 -27.29 -3.02 -9.00
N TRP A 149 -26.93 -3.55 -10.17
CA TRP A 149 -26.30 -4.86 -10.18
C TRP A 149 -24.84 -4.80 -9.73
N SER A 150 -24.23 -3.61 -9.75
CA SER A 150 -22.93 -3.45 -9.13
C SER A 150 -23.05 -3.49 -7.61
N GLU A 151 -24.07 -2.82 -7.07
CA GLU A 151 -24.32 -2.83 -5.64
C GLU A 151 -24.93 -4.14 -5.15
N ARG A 152 -25.37 -5.01 -6.06
CA ARG A 152 -25.71 -6.37 -5.68
C ARG A 152 -24.49 -7.13 -5.15
N GLU A 153 -23.32 -6.84 -5.72
CA GLU A 153 -22.01 -7.36 -5.30
C GLU A 153 -21.94 -8.88 -5.44
N GLU A 154 -22.35 -9.37 -6.60
CA GLU A 154 -22.10 -10.75 -7.02
C GLU A 154 -21.65 -10.71 -8.46
N ILE A 155 -20.52 -11.37 -8.75
CA ILE A 155 -19.79 -11.08 -9.98
C ILE A 155 -20.45 -11.68 -11.21
N GLU A 156 -21.15 -12.81 -11.08
CA GLU A 156 -21.70 -13.50 -12.24
C GLU A 156 -22.88 -12.74 -12.85
N THR A 157 -23.87 -12.39 -12.03
CA THR A 157 -25.04 -11.68 -12.54
C THR A 157 -24.70 -10.25 -12.93
N ALA A 158 -23.76 -9.62 -12.21
CA ALA A 158 -23.32 -8.28 -12.59
C ALA A 158 -22.58 -8.29 -13.91
N GLN A 159 -21.74 -9.31 -14.14
CA GLN A 159 -21.02 -9.35 -15.40
C GLN A 159 -21.93 -9.74 -16.56
N ALA A 160 -22.98 -10.53 -16.30
CA ALA A 160 -23.94 -10.85 -17.36
C ALA A 160 -24.78 -9.64 -17.75
N TYR A 161 -25.26 -8.91 -16.73
CA TYR A 161 -25.99 -7.67 -16.99
C TYR A 161 -25.08 -6.61 -17.60
N LEU A 162 -23.78 -6.68 -17.35
CA LEU A 162 -22.87 -5.74 -17.97
C LEU A 162 -22.51 -6.12 -19.40
N GLU A 163 -22.54 -7.40 -19.77
CA GLU A 163 -22.43 -7.73 -21.19
C GLU A 163 -23.69 -7.32 -21.96
N SER A 164 -24.86 -7.43 -21.33
CA SER A 164 -26.05 -6.85 -21.96
C SER A 164 -25.96 -5.34 -22.01
N SER A 165 -25.26 -4.73 -21.04
CA SER A 165 -24.98 -3.31 -21.12
C SER A 165 -24.09 -2.98 -22.31
N GLU A 166 -23.08 -3.81 -22.59
CA GLU A 166 -22.25 -3.62 -23.79
C GLU A 166 -23.07 -3.72 -25.07
N ALA A 167 -24.03 -4.64 -25.09
CA ALA A 167 -24.98 -4.72 -26.21
C ALA A 167 -25.76 -3.41 -26.37
N LEU A 168 -26.23 -2.86 -25.24
CA LEU A 168 -26.92 -1.56 -25.31
C LEU A 168 -25.96 -0.42 -25.68
N TYR A 169 -24.68 -0.53 -25.33
CA TYR A 169 -23.73 0.55 -25.65
C TYR A 169 -23.43 0.58 -27.13
N ASN A 170 -23.24 -0.58 -27.76
CA ASN A 170 -23.01 -0.57 -29.20
C ASN A 170 -24.31 -0.30 -29.96
N GLN A 171 -25.46 -0.68 -29.40
CA GLN A 171 -26.74 -0.30 -30.02
C GLN A 171 -27.00 1.19 -29.90
N TYR A 172 -26.41 1.84 -28.88
CA TYR A 172 -26.44 3.30 -28.80
C TYR A 172 -25.42 3.92 -29.75
N MET A 173 -24.26 3.29 -29.90
CA MET A 173 -23.19 3.77 -30.75
C MET A 173 -23.41 3.45 -32.22
N LYS A 174 -24.52 2.82 -32.58
CA LYS A 174 -24.89 2.71 -33.99
C LYS A 174 -25.42 4.02 -34.57
N GLU A 175 -25.64 5.05 -33.72
CA GLU A 175 -26.20 6.35 -34.09
C GLU A 175 -27.57 6.21 -34.73
N VAL A 176 -28.45 5.45 -34.04
CA VAL A 176 -29.85 5.11 -34.37
C VAL A 176 -30.14 4.86 -35.85
N THR A 195 -30.55 22.08 -24.55
CA THR A 195 -29.38 21.21 -24.62
C THR A 195 -28.11 21.95 -24.24
N GLU A 196 -27.10 21.18 -23.83
CA GLU A 196 -25.81 21.78 -23.50
C GLU A 196 -25.03 22.12 -24.77
N GLN A 197 -24.67 21.10 -25.54
CA GLN A 197 -24.08 21.30 -26.87
C GLN A 197 -24.65 20.21 -27.80
N GLU A 198 -25.81 20.51 -28.40
CA GLU A 198 -26.43 19.71 -29.47
C GLU A 198 -26.68 18.26 -29.05
N ARG A 199 -27.06 18.07 -27.78
CA ARG A 199 -27.35 16.75 -27.18
C ARG A 199 -26.15 15.81 -27.29
N SER A 200 -24.97 16.31 -26.97
CA SER A 200 -23.76 15.51 -27.11
C SER A 200 -22.87 15.58 -25.88
N LYS A 201 -22.96 16.66 -25.10
CA LYS A 201 -22.03 16.88 -24.00
C LYS A 201 -22.34 16.01 -22.80
N ARG A 202 -23.62 16.00 -22.36
CA ARG A 202 -24.02 15.12 -21.29
C ARG A 202 -23.97 13.65 -21.73
N PHE A 203 -24.22 13.39 -23.02
CA PHE A 203 -24.02 12.06 -23.57
C PHE A 203 -22.56 11.66 -23.50
N GLU A 204 -21.65 12.62 -23.71
CA GLU A 204 -20.22 12.34 -23.61
C GLU A 204 -19.82 12.05 -22.17
N LYS A 205 -20.35 12.80 -21.21
CA LYS A 205 -19.94 12.54 -19.82
C LYS A 205 -20.54 11.25 -19.28
N VAL A 206 -21.76 10.88 -19.69
CA VAL A 206 -22.25 9.56 -19.30
C VAL A 206 -21.58 8.44 -20.09
N TYR A 207 -21.02 8.74 -21.27
CA TYR A 207 -20.18 7.79 -21.96
C TYR A 207 -18.90 7.50 -21.18
N THR A 208 -18.30 8.56 -20.62
CA THR A 208 -17.18 8.36 -19.70
C THR A 208 -17.61 7.58 -18.46
N HIS A 209 -18.83 7.83 -17.97
CA HIS A 209 -19.33 7.16 -16.77
C HIS A 209 -19.46 5.65 -16.97
N ASN A 210 -20.22 5.24 -17.99
CA ASN A 210 -20.42 3.81 -18.16
C ASN A 210 -19.21 3.11 -18.76
N LEU A 211 -18.32 3.83 -19.47
CA LEU A 211 -17.06 3.21 -19.86
C LEU A 211 -16.14 2.95 -18.68
N TYR A 212 -16.09 3.88 -17.72
CA TYR A 212 -15.30 3.60 -16.51
C TYR A 212 -15.94 2.50 -15.67
N TYR A 213 -17.26 2.42 -15.64
CA TYR A 213 -17.86 1.35 -14.86
C TYR A 213 -17.76 -0.01 -15.53
N LEU A 214 -17.71 -0.06 -16.87
CA LEU A 214 -17.40 -1.34 -17.50
C LEU A 214 -15.92 -1.69 -17.34
N ALA A 215 -15.05 -0.68 -17.23
CA ALA A 215 -13.68 -0.95 -16.85
C ALA A 215 -13.61 -1.51 -15.43
N GLN A 216 -14.48 -1.03 -14.55
CA GLN A 216 -14.55 -1.55 -13.18
C GLN A 216 -15.00 -3.00 -13.15
N VAL A 217 -16.02 -3.35 -13.93
CA VAL A 217 -16.46 -4.73 -13.93
C VAL A 217 -15.47 -5.61 -14.70
N TYR A 218 -14.65 -5.02 -15.56
CA TYR A 218 -13.59 -5.78 -16.22
C TYR A 218 -12.46 -6.10 -15.24
N GLN A 219 -12.07 -5.14 -14.41
CA GLN A 219 -11.05 -5.43 -13.41
C GLN A 219 -11.60 -6.24 -12.23
N HIS A 220 -12.92 -6.35 -12.09
CA HIS A 220 -13.46 -7.27 -11.10
C HIS A 220 -13.18 -8.72 -11.47
N LEU A 221 -13.18 -9.03 -12.76
CA LEU A 221 -12.66 -10.29 -13.27
C LEU A 221 -11.15 -10.13 -13.50
N GLU A 222 -10.51 -11.12 -14.12
CA GLU A 222 -9.09 -10.99 -14.39
C GLU A 222 -8.86 -10.07 -15.59
N MET A 223 -9.27 -10.51 -16.78
CA MET A 223 -9.52 -9.76 -18.01
C MET A 223 -8.52 -8.63 -18.29
N PHE A 224 -7.24 -9.02 -18.32
CA PHE A 224 -6.16 -8.03 -18.29
C PHE A 224 -6.08 -7.24 -19.59
N GLU A 225 -6.04 -7.94 -20.72
CA GLU A 225 -5.96 -7.26 -22.01
C GLU A 225 -7.26 -6.55 -22.35
N LYS A 226 -8.40 -7.08 -21.90
CA LYS A 226 -9.69 -6.43 -22.17
C LYS A 226 -9.82 -5.13 -21.39
N ALA A 227 -9.51 -5.17 -20.09
CA ALA A 227 -9.55 -3.96 -19.28
C ALA A 227 -8.48 -2.95 -19.71
N ALA A 228 -7.34 -3.43 -20.21
CA ALA A 228 -6.31 -2.51 -20.67
C ALA A 228 -6.71 -1.82 -21.96
N HIS A 229 -7.28 -2.56 -22.92
CA HIS A 229 -7.75 -1.94 -24.16
C HIS A 229 -8.91 -0.99 -23.89
N TYR A 230 -9.81 -1.36 -22.98
CA TYR A 230 -10.93 -0.47 -22.73
C TYR A 230 -10.54 0.72 -21.85
N CYS A 231 -9.51 0.60 -21.01
CA CYS A 231 -9.06 1.78 -20.28
C CYS A 231 -8.26 2.72 -21.18
N HIS A 232 -7.55 2.15 -22.16
CA HIS A 232 -7.01 2.95 -23.26
C HIS A 232 -8.12 3.72 -23.97
N SER A 233 -9.26 3.06 -24.21
CA SER A 233 -10.39 3.73 -24.85
C SER A 233 -10.97 4.83 -23.96
N THR A 234 -11.01 4.62 -22.65
CA THR A 234 -11.53 5.64 -21.74
C THR A 234 -10.61 6.86 -21.69
N LEU A 235 -9.30 6.64 -21.61
CA LEU A 235 -8.40 7.80 -21.58
C LEU A 235 -8.33 8.51 -22.92
N LYS A 236 -8.50 7.78 -24.03
CA LYS A 236 -8.54 8.44 -25.32
C LYS A 236 -9.85 9.20 -25.52
N ARG A 237 -10.95 8.71 -24.95
CA ARG A 237 -12.20 9.46 -25.01
C ARG A 237 -12.18 10.66 -24.09
N GLN A 238 -11.43 10.57 -22.99
CA GLN A 238 -11.22 11.75 -22.16
C GLN A 238 -10.33 12.76 -22.84
N LEU A 239 -9.39 12.29 -23.66
CA LEU A 239 -8.50 13.16 -24.43
C LEU A 239 -9.16 13.73 -25.69
N GLU A 240 -10.48 13.50 -25.87
CA GLU A 240 -11.19 14.12 -26.98
C GLU A 240 -11.32 15.62 -26.79
N HIS A 241 -11.39 16.08 -25.55
CA HIS A 241 -11.59 17.49 -25.27
C HIS A 241 -10.51 18.04 -24.34
N GLU A 248 -2.17 15.13 -14.96
CA GLU A 248 -2.94 14.14 -14.20
C GLU A 248 -3.28 12.94 -15.07
N TRP A 249 -3.07 13.10 -16.38
CA TRP A 249 -3.29 12.01 -17.33
C TRP A 249 -2.01 11.27 -17.66
N ALA A 250 -0.86 11.86 -17.31
CA ALA A 250 0.42 11.20 -17.49
C ALA A 250 0.55 9.97 -16.60
N ILE A 251 -0.14 9.96 -15.45
CA ILE A 251 -0.11 8.75 -14.62
C ILE A 251 -0.99 7.66 -15.20
N ASN A 252 -2.05 8.02 -15.96
CA ASN A 252 -2.83 7.02 -16.67
C ASN A 252 -2.04 6.43 -17.83
N ALA A 253 -1.31 7.28 -18.56
CA ALA A 253 -0.38 6.78 -19.57
C ALA A 253 0.74 5.97 -18.94
N ALA A 254 1.14 6.32 -17.72
CA ALA A 254 2.14 5.58 -16.98
C ALA A 254 1.66 4.18 -16.64
N THR A 255 0.40 4.05 -16.23
CA THR A 255 -0.14 2.73 -15.93
C THR A 255 -0.38 1.90 -17.19
N LEU A 256 -0.72 2.56 -18.30
CA LEU A 256 -0.84 1.85 -19.58
C LEU A 256 0.52 1.28 -20.00
N SER A 257 1.55 2.12 -19.94
CA SER A 257 2.90 1.65 -20.23
C SER A 257 3.42 0.65 -19.20
N GLN A 258 2.91 0.69 -17.96
CA GLN A 258 3.30 -0.31 -16.97
C GLN A 258 2.67 -1.66 -17.27
N PHE A 259 1.42 -1.64 -17.77
CA PHE A 259 0.83 -2.85 -18.35
C PHE A 259 1.66 -3.37 -19.50
N TYR A 260 2.16 -2.46 -20.33
CA TYR A 260 3.01 -2.87 -21.45
C TYR A 260 4.36 -3.41 -20.98
N ILE A 261 4.85 -2.93 -19.84
CA ILE A 261 6.04 -3.54 -19.21
C ILE A 261 5.72 -4.95 -18.74
N ASN A 262 4.54 -5.16 -18.16
CA ASN A 262 4.13 -6.51 -17.77
C ASN A 262 3.87 -7.40 -18.99
N LYS A 263 3.61 -6.82 -20.15
CA LYS A 263 3.52 -7.55 -21.40
C LYS A 263 4.84 -7.45 -22.17
N LEU A 264 4.84 -7.86 -23.43
CA LEU A 264 6.06 -7.92 -24.23
C LEU A 264 6.04 -7.04 -25.47
N CYS A 265 4.88 -6.59 -25.94
CA CYS A 265 4.82 -5.66 -27.06
C CYS A 265 5.14 -4.26 -26.56
N PHE A 266 5.91 -3.50 -27.36
CA PHE A 266 6.46 -2.24 -26.86
C PHE A 266 6.44 -1.14 -27.91
N MET A 267 5.46 -1.13 -28.81
CA MET A 267 5.33 -0.04 -29.78
C MET A 267 4.30 0.99 -29.34
N GLU A 268 3.10 0.54 -28.96
CA GLU A 268 2.11 1.44 -28.38
C GLU A 268 2.54 1.92 -27.00
N ALA A 269 3.45 1.19 -26.34
CA ALA A 269 4.14 1.72 -25.16
C ALA A 269 4.89 3.01 -25.50
N ARG A 270 5.71 2.98 -26.55
CA ARG A 270 6.43 4.19 -26.98
C ARG A 270 5.46 5.27 -27.45
N HIS A 271 4.35 4.86 -28.07
CA HIS A 271 3.34 5.81 -28.49
C HIS A 271 2.68 6.51 -27.30
N CYS A 272 2.45 5.80 -26.21
CA CYS A 272 1.86 6.47 -25.06
C CYS A 272 2.90 7.23 -24.23
N LEU A 273 4.19 6.87 -24.33
CA LEU A 273 5.24 7.75 -23.81
C LEU A 273 5.22 9.10 -24.53
N SER A 274 5.14 9.06 -25.86
CA SER A 274 5.06 10.31 -26.62
C SER A 274 3.75 11.05 -26.36
N ALA A 275 2.66 10.31 -26.12
CA ALA A 275 1.39 10.93 -25.79
C ALA A 275 1.44 11.63 -24.43
N ALA A 276 2.08 11.00 -23.44
CA ALA A 276 2.24 11.63 -22.14
C ALA A 276 3.15 12.84 -22.23
N ASN A 277 4.18 12.77 -23.06
CA ASN A 277 5.08 13.90 -23.25
C ASN A 277 4.38 15.08 -23.92
N VAL A 278 3.52 14.81 -24.91
CA VAL A 278 2.88 15.93 -25.60
C VAL A 278 1.72 16.47 -24.77
N ILE A 279 1.07 15.66 -23.94
CA ILE A 279 0.02 16.20 -23.08
C ILE A 279 0.58 16.83 -21.80
N PHE A 280 1.86 16.62 -21.49
CA PHE A 280 2.47 17.47 -20.47
C PHE A 280 3.07 18.73 -21.07
N GLY A 281 3.52 18.68 -22.32
CA GLY A 281 3.92 19.89 -23.00
C GLY A 281 2.76 20.78 -23.39
N GLN A 282 1.55 20.21 -23.48
CA GLN A 282 0.31 20.93 -23.76
C GLN A 282 -0.72 20.63 -22.68
N THR A 283 -0.30 20.81 -21.42
CA THR A 283 -1.17 20.53 -20.28
C THR A 283 -2.41 21.43 -20.27
N GLY A 284 -2.25 22.70 -20.65
CA GLY A 284 -3.37 23.60 -20.70
C GLY A 284 -3.53 24.36 -19.40
N LYS A 285 -3.27 25.66 -19.42
CA LYS A 285 -3.27 26.44 -18.20
C LYS A 285 -3.84 27.83 -18.45
N ILE A 286 -4.82 28.21 -17.64
CA ILE A 286 -5.25 29.60 -17.51
C ILE A 286 -4.27 30.26 -16.53
N HIS A 304 1.02 19.38 -6.93
CA HIS A 304 0.95 19.10 -8.36
C HIS A 304 1.29 17.64 -8.67
N GLN A 305 2.17 17.04 -7.88
CA GLN A 305 2.59 15.64 -7.94
C GLN A 305 3.23 15.24 -9.27
N ARG A 306 3.61 16.20 -10.11
CA ARG A 306 4.15 15.88 -11.42
C ARG A 306 5.59 15.40 -11.35
N LYS A 307 6.31 15.74 -10.28
CA LYS A 307 7.73 15.38 -10.16
C LYS A 307 7.92 13.88 -10.09
N GLY A 308 7.18 13.21 -9.20
CA GLY A 308 7.25 11.76 -9.12
C GLY A 308 6.67 11.07 -10.35
N GLU A 309 5.72 11.72 -11.03
CA GLU A 309 5.13 11.13 -12.22
C GLU A 309 6.13 11.10 -13.38
N ILE A 310 6.80 12.23 -13.65
CA ILE A 310 7.83 12.23 -14.69
C ILE A 310 9.06 11.44 -14.24
N ALA A 311 9.27 11.32 -12.91
CA ALA A 311 10.29 10.41 -12.41
C ALA A 311 9.99 8.96 -12.79
N ARG A 312 8.73 8.56 -12.64
CA ARG A 312 8.34 7.23 -13.09
C ARG A 312 8.35 7.12 -14.61
N CYS A 313 8.19 8.23 -15.33
CA CYS A 313 8.41 8.22 -16.77
C CYS A 313 9.86 7.91 -17.12
N TRP A 314 10.81 8.47 -16.37
CA TRP A 314 12.21 8.07 -16.53
C TRP A 314 12.41 6.60 -16.19
N ILE A 315 11.70 6.13 -15.16
CA ILE A 315 11.77 4.74 -14.74
C ILE A 315 11.30 3.81 -15.86
N LYS A 316 10.19 4.14 -16.51
CA LYS A 316 9.74 3.26 -17.58
C LYS A 316 10.52 3.46 -18.87
N TYR A 317 11.16 4.62 -19.07
CA TYR A 317 12.11 4.77 -20.17
C TYR A 317 13.26 3.77 -20.03
N CYS A 318 13.86 3.73 -18.84
CA CYS A 318 14.94 2.77 -18.65
C CYS A 318 14.44 1.34 -18.49
N LEU A 319 13.15 1.12 -18.18
CA LEU A 319 12.62 -0.23 -18.27
C LEU A 319 12.39 -0.68 -19.71
N THR A 320 12.05 0.25 -20.61
CA THR A 320 12.00 -0.09 -22.03
C THR A 320 13.40 -0.42 -22.55
N LEU A 321 14.40 0.34 -22.08
CA LEU A 321 15.78 -0.01 -22.40
C LEU A 321 16.19 -1.35 -21.79
N MET A 322 15.66 -1.68 -20.60
CA MET A 322 15.91 -2.97 -19.99
C MET A 322 15.29 -4.10 -20.80
N GLN A 323 14.10 -3.86 -21.36
CA GLN A 323 13.47 -4.86 -22.21
C GLN A 323 14.23 -5.03 -23.52
N ASN A 324 14.77 -3.94 -24.05
CA ASN A 324 15.62 -4.02 -25.24
C ASN A 324 16.89 -4.83 -24.95
N ALA A 325 17.49 -4.62 -23.77
CA ALA A 325 18.65 -5.40 -23.37
C ALA A 325 18.29 -6.85 -23.10
N GLN A 326 17.06 -7.11 -22.67
CA GLN A 326 16.60 -8.48 -22.48
C GLN A 326 16.46 -9.20 -23.81
N LEU A 327 15.84 -8.55 -24.80
CA LEU A 327 15.67 -9.18 -26.10
C LEU A 327 16.99 -9.23 -26.87
N SER A 328 17.97 -8.41 -26.51
CA SER A 328 19.29 -8.49 -27.13
C SER A 328 20.27 -9.36 -26.35
N MET A 329 19.91 -9.82 -25.15
CA MET A 329 20.81 -10.63 -24.34
C MET A 329 20.24 -12.00 -23.99
N GLN A 330 18.95 -12.08 -23.65
CA GLN A 330 18.36 -13.35 -23.26
C GLN A 330 16.93 -13.48 -23.77
N ALA A 392 22.23 0.15 -31.99
CA ALA A 392 22.67 -0.37 -30.70
C ALA A 392 23.32 0.72 -29.86
N ARG A 393 24.32 1.40 -30.45
CA ARG A 393 25.04 2.46 -29.75
C ARG A 393 24.14 3.66 -29.45
N GLU A 394 23.23 3.96 -30.37
CA GLU A 394 22.30 5.07 -30.17
C GLU A 394 21.31 4.78 -29.04
N LEU A 395 21.01 3.49 -28.80
CA LEU A 395 20.17 3.12 -27.66
C LEU A 395 20.88 3.43 -26.35
N PHE A 396 22.19 3.14 -26.29
CA PHE A 396 22.97 3.47 -25.09
C PHE A 396 23.13 4.97 -24.94
N LEU A 397 23.22 5.71 -26.05
CA LEU A 397 23.35 7.16 -25.97
C LEU A 397 22.07 7.81 -25.47
N LEU A 398 20.90 7.37 -25.98
CA LEU A 398 19.64 7.90 -25.49
C LEU A 398 19.38 7.45 -24.06
N GLY A 399 19.83 6.25 -23.69
CA GLY A 399 19.74 5.83 -22.30
C GLY A 399 20.59 6.68 -21.37
N GLN A 400 21.78 7.08 -21.83
CA GLN A 400 22.66 7.92 -21.03
C GLN A 400 22.10 9.33 -20.86
N HIS A 401 21.56 9.90 -21.94
CA HIS A 401 20.93 11.22 -21.85
C HIS A 401 19.70 11.18 -20.96
N TYR A 402 18.88 10.13 -21.10
CA TYR A 402 17.69 10.00 -20.28
C TYR A 402 18.03 9.73 -18.82
N VAL A 403 19.11 9.01 -18.54
CA VAL A 403 19.43 8.76 -17.13
C VAL A 403 20.09 9.98 -16.50
N PHE A 404 20.75 10.83 -17.29
CA PHE A 404 21.28 12.07 -16.74
C PHE A 404 20.16 13.06 -16.40
N GLU A 405 19.21 13.23 -17.32
CA GLU A 405 18.03 14.06 -17.03
C GLU A 405 17.19 13.45 -15.91
N ALA A 406 17.14 12.11 -15.87
CA ALA A 406 16.51 11.39 -14.77
C ALA A 406 17.13 11.76 -13.44
N LYS A 407 18.45 11.53 -13.29
CA LYS A 407 19.29 11.90 -12.15
C LYS A 407 19.04 13.32 -11.65
N GLU A 408 18.95 14.26 -12.59
CA GLU A 408 18.62 15.65 -12.23
C GLU A 408 17.24 15.76 -11.59
N PHE A 409 16.20 15.27 -12.29
CA PHE A 409 14.86 15.37 -11.72
C PHE A 409 14.58 14.38 -10.58
N PHE A 410 15.53 13.49 -10.27
CA PHE A 410 15.46 12.59 -9.13
C PHE A 410 16.03 13.25 -7.88
N GLN A 411 17.22 13.87 -8.03
CA GLN A 411 17.83 14.57 -6.91
C GLN A 411 17.13 15.89 -6.61
N ILE A 412 16.36 16.43 -7.57
CA ILE A 412 15.54 17.59 -7.27
C ILE A 412 14.42 17.23 -6.29
N ASP A 413 13.72 16.13 -6.54
CA ASP A 413 12.55 15.75 -5.74
C ASP A 413 12.96 14.74 -4.66
N GLY A 414 13.78 15.22 -3.72
CA GLY A 414 14.15 14.40 -2.58
C GLY A 414 15.04 13.24 -3.00
N TYR A 415 14.76 12.02 -2.54
CA TYR A 415 13.76 11.66 -1.51
C TYR A 415 14.34 10.43 -0.83
N VAL A 416 13.51 9.63 -0.16
CA VAL A 416 13.99 8.42 0.49
C VAL A 416 13.98 7.24 -0.48
N THR A 417 12.79 6.82 -0.91
CA THR A 417 12.66 5.58 -1.68
C THR A 417 13.01 5.77 -3.15
N ASP A 418 12.97 7.01 -3.63
CA ASP A 418 13.35 7.28 -5.01
C ASP A 418 14.81 6.99 -5.25
N HIS A 419 15.65 7.13 -4.22
CA HIS A 419 17.06 6.79 -4.36
C HIS A 419 17.27 5.28 -4.38
N ILE A 420 16.39 4.51 -3.73
CA ILE A 420 16.37 3.06 -3.93
C ILE A 420 16.04 2.73 -5.38
N GLU A 421 15.08 3.46 -5.96
CA GLU A 421 14.81 3.28 -7.39
C GLU A 421 15.99 3.73 -8.26
N VAL A 422 16.74 4.76 -7.81
CA VAL A 422 17.93 5.23 -8.52
C VAL A 422 18.97 4.14 -8.58
N VAL A 423 19.32 3.56 -7.42
CA VAL A 423 20.37 2.56 -7.41
C VAL A 423 19.89 1.28 -8.11
N GLN A 424 18.59 1.01 -8.06
CA GLN A 424 17.99 -0.12 -8.80
C GLN A 424 18.22 0.01 -10.30
N ASP A 425 17.69 1.08 -10.90
CA ASP A 425 17.75 1.13 -12.37
C ASP A 425 19.14 1.50 -12.87
N HIS A 426 19.92 2.25 -12.07
CA HIS A 426 21.29 2.55 -12.48
C HIS A 426 22.16 1.31 -12.43
N SER A 427 21.99 0.46 -11.42
CA SER A 427 22.70 -0.81 -11.38
C SER A 427 22.24 -1.74 -12.50
N ALA A 428 20.96 -1.66 -12.88
CA ALA A 428 20.48 -2.44 -14.02
C ALA A 428 21.15 -2.01 -15.32
N LEU A 429 21.13 -0.71 -15.62
CA LEU A 429 21.71 -0.23 -16.88
C LEU A 429 23.22 -0.26 -16.88
N PHE A 430 23.86 -0.32 -15.71
CA PHE A 430 25.30 -0.47 -15.64
C PHE A 430 25.73 -1.93 -15.51
N LYS A 431 24.80 -2.85 -15.30
CA LYS A 431 25.09 -4.27 -15.26
C LYS A 431 24.84 -4.97 -16.58
N VAL A 432 23.76 -4.63 -17.29
CA VAL A 432 23.39 -5.41 -18.47
C VAL A 432 24.14 -4.94 -19.73
N LEU A 433 24.74 -3.76 -19.72
CA LEU A 433 25.34 -3.18 -20.92
C LEU A 433 26.76 -3.69 -21.19
N ALA A 434 26.95 -5.01 -21.18
CA ALA A 434 28.27 -5.60 -21.37
C ALA A 434 28.51 -5.75 -22.88
N PHE A 435 29.22 -4.79 -23.46
CA PHE A 435 29.44 -4.78 -24.90
C PHE A 435 30.86 -4.46 -25.36
N PHE A 436 31.78 -4.13 -24.45
CA PHE A 436 33.14 -3.78 -24.85
C PHE A 436 34.10 -4.25 -23.77
N GLU A 437 35.33 -3.74 -23.80
CA GLU A 437 36.33 -4.09 -22.78
C GLU A 437 36.80 -2.88 -21.99
N THR A 438 37.29 -1.83 -22.65
CA THR A 438 37.85 -0.69 -21.93
C THR A 438 36.75 0.21 -21.39
N ASP A 439 35.75 0.52 -22.23
CA ASP A 439 34.58 1.24 -21.75
C ASP A 439 33.74 0.39 -20.81
N MET A 440 33.87 -0.93 -20.88
CA MET A 440 33.28 -1.79 -19.86
C MET A 440 33.93 -1.55 -18.51
N GLU A 441 35.26 -1.42 -18.47
CA GLU A 441 35.93 -1.07 -17.22
C GLU A 441 35.57 0.36 -16.78
N ARG A 442 35.34 1.26 -17.74
CA ARG A 442 34.94 2.62 -17.40
C ARG A 442 33.56 2.65 -16.76
N ARG A 443 32.59 1.90 -17.31
CA ARG A 443 31.27 1.87 -16.69
C ARG A 443 31.23 1.03 -15.42
N CYS A 444 32.15 0.08 -15.26
CA CYS A 444 32.29 -0.58 -13.96
C CYS A 444 32.79 0.38 -12.89
N LYS A 445 33.79 1.20 -13.22
CA LYS A 445 34.23 2.24 -12.30
C LYS A 445 33.14 3.29 -12.09
N MET A 446 32.30 3.51 -13.09
CA MET A 446 31.19 4.46 -12.94
C MET A 446 30.12 3.94 -11.99
N HIS A 447 29.80 2.65 -12.05
CA HIS A 447 28.81 2.17 -11.07
C HIS A 447 29.43 1.95 -9.69
N LYS A 448 30.75 1.73 -9.61
CA LYS A 448 31.43 1.81 -8.32
C LYS A 448 31.36 3.22 -7.76
N ARG A 449 31.44 4.23 -8.64
CA ARG A 449 31.22 5.61 -8.20
C ARG A 449 29.77 5.85 -7.79
N ARG A 450 28.82 5.17 -8.45
CA ARG A 450 27.40 5.29 -8.08
C ARG A 450 27.16 4.74 -6.68
N ILE A 451 27.67 3.54 -6.40
CA ILE A 451 27.52 3.01 -5.06
C ILE A 451 28.40 3.76 -4.05
N ALA A 452 29.48 4.39 -4.50
CA ALA A 452 30.32 5.16 -3.59
C ALA A 452 29.68 6.48 -3.19
N MET A 453 28.91 7.10 -4.09
CA MET A 453 28.12 8.26 -3.67
C MET A 453 26.84 7.83 -2.94
N LEU A 454 26.39 6.60 -3.14
CA LEU A 454 25.31 6.07 -2.31
C LEU A 454 25.75 5.87 -0.86
N GLU A 455 26.97 5.34 -0.67
CA GLU A 455 27.39 4.82 0.63
C GLU A 455 27.41 5.81 1.80
N PRO A 456 28.16 6.92 1.76
CA PRO A 456 28.61 7.54 3.03
C PRO A 456 27.52 8.28 3.81
N LEU A 457 26.29 8.34 3.30
CA LEU A 457 25.15 8.79 4.08
C LEU A 457 24.14 7.67 4.35
N THR A 458 24.27 6.54 3.66
CA THR A 458 23.44 5.38 3.98
C THR A 458 24.01 4.57 5.13
N VAL A 459 25.30 4.74 5.45
CA VAL A 459 25.87 4.09 6.62
C VAL A 459 25.32 4.75 7.89
N ASP A 460 25.04 6.05 7.84
CA ASP A 460 24.40 6.74 8.93
C ASP A 460 22.90 6.45 8.99
N LEU A 461 22.30 6.07 7.86
CA LEU A 461 20.86 5.87 7.73
C LEU A 461 20.34 4.74 8.62
N ASN A 462 20.66 3.50 8.27
CA ASN A 462 20.35 2.23 8.95
C ASN A 462 19.00 2.08 9.65
N PRO A 463 17.87 2.04 8.95
CA PRO A 463 16.74 1.23 9.44
C PRO A 463 17.05 -0.25 9.33
N GLN A 464 16.16 -1.03 9.95
CA GLN A 464 16.03 -2.43 9.60
C GLN A 464 15.54 -2.58 8.16
N TYR A 465 14.72 -1.63 7.71
CA TYR A 465 14.33 -1.55 6.30
C TYR A 465 15.54 -1.30 5.43
N TYR A 466 16.51 -0.52 5.93
CA TYR A 466 17.78 -0.37 5.22
C TYR A 466 18.57 -1.67 5.22
N LEU A 467 18.49 -2.47 6.29
CA LEU A 467 19.15 -3.77 6.27
C LEU A 467 18.56 -4.68 5.20
N LEU A 468 17.24 -4.63 5.02
CA LEU A 468 16.61 -5.40 3.95
C LEU A 468 17.02 -4.89 2.57
N VAL A 469 16.82 -3.58 2.32
CA VAL A 469 17.05 -3.06 0.98
C VAL A 469 18.53 -3.03 0.65
N ASN A 470 19.40 -2.88 1.66
CA ASN A 470 20.83 -2.95 1.42
C ASN A 470 21.34 -4.38 1.41
N ARG A 471 20.58 -5.34 1.92
CA ARG A 471 20.87 -6.73 1.61
C ARG A 471 20.68 -6.99 0.12
N GLN A 472 19.60 -6.45 -0.45
CA GLN A 472 19.45 -6.55 -1.91
C GLN A 472 20.51 -5.72 -2.66
N ILE A 473 20.91 -4.58 -2.11
CA ILE A 473 21.89 -3.73 -2.80
C ILE A 473 23.28 -4.37 -2.74
N GLN A 474 23.68 -4.91 -1.59
CA GLN A 474 24.93 -5.66 -1.53
C GLN A 474 24.86 -6.98 -2.27
N PHE A 475 23.66 -7.53 -2.49
CA PHE A 475 23.51 -8.67 -3.40
C PHE A 475 23.83 -8.27 -4.84
N GLU A 476 23.32 -7.10 -5.26
CA GLU A 476 23.64 -6.57 -6.59
C GLU A 476 25.13 -6.23 -6.71
N ILE A 477 25.70 -5.63 -5.67
CA ILE A 477 27.13 -5.30 -5.64
C ILE A 477 27.97 -6.57 -5.61
N ALA A 478 27.43 -7.65 -5.03
CA ALA A 478 28.12 -8.94 -5.05
C ALA A 478 28.13 -9.54 -6.45
N HIS A 479 27.01 -9.43 -7.18
CA HIS A 479 27.03 -9.85 -8.57
C HIS A 479 27.95 -8.99 -9.43
N ALA A 480 28.03 -7.68 -9.11
CA ALA A 480 28.96 -6.78 -9.78
C ALA A 480 30.40 -7.18 -9.51
N TYR A 481 30.71 -7.56 -8.27
CA TYR A 481 32.04 -8.06 -7.96
C TYR A 481 32.28 -9.44 -8.57
N TYR A 482 31.23 -10.21 -8.83
CA TYR A 482 31.38 -11.51 -9.47
C TYR A 482 31.79 -11.35 -10.94
N ASP A 483 31.06 -10.55 -11.71
CA ASP A 483 31.51 -10.41 -13.09
C ASP A 483 32.69 -9.45 -13.22
N MET A 484 32.98 -8.64 -12.19
CA MET A 484 34.27 -7.95 -12.17
C MET A 484 35.42 -8.88 -11.81
N MET A 485 35.15 -9.96 -11.07
CA MET A 485 36.14 -11.02 -10.88
C MET A 485 36.41 -11.76 -12.19
N ASP A 486 35.35 -11.98 -12.98
CA ASP A 486 35.52 -12.55 -14.32
C ASP A 486 36.31 -11.59 -15.23
N LEU A 487 36.03 -10.29 -15.14
CA LEU A 487 36.80 -9.29 -15.87
C LEU A 487 38.25 -9.24 -15.38
N LYS A 488 38.47 -9.51 -14.08
CA LYS A 488 39.82 -9.51 -13.52
C LYS A 488 40.61 -10.69 -14.05
N VAL A 489 40.01 -11.87 -14.14
CA VAL A 489 40.77 -13.00 -14.68
C VAL A 489 40.93 -12.85 -16.20
N ALA A 490 40.01 -12.12 -16.87
CA ALA A 490 40.20 -11.82 -18.28
C ALA A 490 41.39 -10.89 -18.51
N ILE A 491 41.46 -9.79 -17.76
CA ILE A 491 42.58 -8.87 -17.89
C ILE A 491 43.86 -9.39 -17.24
N ALA A 492 43.77 -10.45 -16.43
CA ALA A 492 44.98 -11.12 -15.98
C ALA A 492 45.50 -12.09 -17.03
N ASP A 493 44.59 -12.68 -17.82
CA ASP A 493 45.02 -13.50 -18.95
C ASP A 493 45.60 -12.64 -20.07
N ARG A 494 45.03 -11.45 -20.30
CA ARG A 494 45.38 -10.65 -21.46
C ARG A 494 46.33 -9.50 -21.14
N LEU A 495 46.84 -9.41 -19.92
CA LEU A 495 47.76 -8.34 -19.55
C LEU A 495 48.60 -8.82 -18.37
N ARG A 496 49.75 -8.18 -18.17
CA ARG A 496 50.68 -8.58 -17.12
C ARG A 496 50.13 -8.21 -15.73
N ASP A 497 49.42 -9.17 -15.13
CA ASP A 497 48.81 -8.96 -13.82
C ASP A 497 49.75 -8.71 -12.64
N PRO A 498 50.94 -9.41 -12.46
CA PRO A 498 51.66 -9.26 -11.18
C PRO A 498 52.39 -7.94 -10.94
N ASP A 499 52.09 -6.89 -11.71
CA ASP A 499 52.50 -5.54 -11.32
C ASP A 499 51.83 -5.17 -10.00
N SER A 500 52.54 -4.35 -9.20
CA SER A 500 52.24 -4.22 -7.77
C SER A 500 50.93 -3.48 -7.52
N HIS A 501 50.69 -2.38 -8.25
CA HIS A 501 49.46 -1.63 -8.05
C HIS A 501 48.25 -2.39 -8.57
N ILE A 502 48.45 -3.24 -9.59
CA ILE A 502 47.36 -4.03 -10.13
C ILE A 502 46.92 -5.10 -9.13
N VAL A 503 47.88 -5.84 -8.57
CA VAL A 503 47.53 -6.87 -7.60
C VAL A 503 47.03 -6.24 -6.30
N LYS A 504 47.53 -5.05 -5.96
CA LYS A 504 47.02 -4.34 -4.78
C LYS A 504 45.57 -3.92 -4.97
N LYS A 505 45.23 -3.40 -6.15
CA LYS A 505 43.85 -3.00 -6.44
C LYS A 505 42.92 -4.19 -6.47
N ILE A 506 43.36 -5.32 -7.05
CA ILE A 506 42.43 -6.43 -7.16
C ILE A 506 42.27 -7.16 -5.82
N ASN A 507 43.29 -7.18 -4.96
CA ASN A 507 43.01 -7.73 -3.63
C ASN A 507 42.26 -6.75 -2.75
N ASN A 508 42.33 -5.45 -3.06
CA ASN A 508 41.45 -4.48 -2.38
C ASN A 508 39.99 -4.73 -2.73
N LEU A 509 39.70 -4.93 -4.02
CA LEU A 509 38.33 -5.29 -4.42
C LEU A 509 37.90 -6.64 -3.88
N ASN A 510 38.83 -7.60 -3.79
CA ASN A 510 38.50 -8.92 -3.25
C ASN A 510 38.19 -8.84 -1.75
N LYS A 511 38.97 -8.06 -1.00
CA LYS A 511 38.70 -7.93 0.42
C LYS A 511 37.46 -7.10 0.68
N SER A 512 37.13 -6.17 -0.21
CA SER A 512 35.86 -5.44 -0.09
C SER A 512 34.67 -6.37 -0.39
N ALA A 513 34.83 -7.26 -1.37
CA ALA A 513 33.78 -8.22 -1.70
C ALA A 513 33.55 -9.20 -0.56
N LEU A 514 34.61 -9.71 0.05
CA LEU A 514 34.41 -10.60 1.19
C LEU A 514 33.97 -9.84 2.44
N LYS A 515 34.26 -8.54 2.53
CA LYS A 515 33.72 -7.74 3.64
C LYS A 515 32.21 -7.56 3.49
N TYR A 516 31.73 -7.31 2.26
CA TYR A 516 30.29 -7.22 2.05
C TYR A 516 29.62 -8.58 2.17
N TYR A 517 30.33 -9.65 1.85
CA TYR A 517 29.81 -11.00 2.10
C TYR A 517 29.72 -11.28 3.60
N GLN A 518 30.68 -10.77 4.38
CA GLN A 518 30.58 -10.87 5.84
C GLN A 518 29.44 -10.02 6.38
N LEU A 519 29.15 -8.89 5.72
CA LEU A 519 27.97 -8.10 6.09
C LEU A 519 26.69 -8.86 5.80
N PHE A 520 26.65 -9.61 4.70
CA PHE A 520 25.54 -10.51 4.44
C PHE A 520 25.48 -11.63 5.48
N LEU A 521 26.63 -12.04 6.01
CA LEU A 521 26.63 -13.01 7.11
C LEU A 521 26.08 -12.39 8.40
N ASP A 522 26.33 -11.10 8.63
CA ASP A 522 25.69 -10.41 9.74
C ASP A 522 24.21 -10.14 9.50
N SER A 523 23.75 -10.21 8.25
CA SER A 523 22.31 -10.13 8.00
C SER A 523 21.56 -11.33 8.59
N LEU A 524 22.21 -12.48 8.66
CA LEU A 524 21.68 -13.61 9.43
C LEU A 524 22.11 -13.46 10.88
N ARG A 525 21.15 -13.56 11.80
CA ARG A 525 21.42 -13.42 13.22
C ARG A 525 22.07 -14.70 13.74
N ASP A 526 23.39 -14.78 13.55
CA ASP A 526 24.17 -15.88 14.09
C ASP A 526 24.25 -15.82 15.62
N PRO A 527 24.38 -14.63 16.26
CA PRO A 527 24.08 -14.73 17.69
C PRO A 527 22.58 -14.82 17.97
N VAL A 539 12.55 -16.79 -0.56
CA VAL A 539 12.86 -16.06 0.65
C VAL A 539 14.30 -16.39 1.09
N LEU A 540 14.73 -17.62 0.81
CA LEU A 540 16.07 -18.07 1.17
C LEU A 540 16.88 -18.58 -0.02
N ARG A 541 16.31 -18.60 -1.22
CA ARG A 541 17.05 -19.04 -2.40
C ARG A 541 18.11 -18.04 -2.88
N PRO A 542 17.92 -16.70 -2.78
CA PRO A 542 19.08 -15.81 -2.90
C PRO A 542 20.14 -16.03 -1.85
N ALA A 543 19.78 -16.52 -0.66
CA ALA A 543 20.80 -16.88 0.32
C ALA A 543 21.55 -18.14 -0.11
N MET A 544 20.90 -19.06 -0.83
CA MET A 544 21.62 -20.20 -1.39
C MET A 544 22.55 -19.76 -2.52
N LEU A 545 22.11 -18.80 -3.34
CA LEU A 545 22.98 -18.25 -4.37
C LEU A 545 24.17 -17.51 -3.76
N ALA A 546 23.94 -16.81 -2.65
CA ALA A 546 25.04 -16.17 -1.94
C ALA A 546 25.95 -17.18 -1.26
N LYS A 547 25.41 -18.33 -0.85
CA LYS A 547 26.26 -19.40 -0.32
C LYS A 547 27.15 -19.99 -1.40
N PHE A 548 26.59 -20.18 -2.61
CA PHE A 548 27.38 -20.55 -3.79
C PHE A 548 28.48 -19.52 -4.06
N ARG A 549 28.14 -18.24 -3.96
CA ARG A 549 29.11 -17.20 -4.28
C ARG A 549 30.20 -17.09 -3.22
N VAL A 550 29.87 -17.22 -1.94
CA VAL A 550 30.91 -17.17 -0.91
C VAL A 550 31.74 -18.44 -0.94
N ALA A 551 31.18 -19.55 -1.40
CA ALA A 551 31.98 -20.76 -1.56
C ALA A 551 32.98 -20.62 -2.70
N ARG A 552 32.55 -20.01 -3.82
CA ARG A 552 33.49 -19.80 -4.92
C ARG A 552 34.54 -18.75 -4.56
N LEU A 553 34.16 -17.72 -3.80
CA LEU A 553 35.10 -16.74 -3.30
C LEU A 553 36.08 -17.34 -2.30
N TYR A 554 35.62 -18.30 -1.48
CA TYR A 554 36.51 -19.00 -0.58
C TYR A 554 37.40 -19.99 -1.34
N GLY A 555 36.98 -20.43 -2.52
CA GLY A 555 37.76 -21.37 -3.29
C GLY A 555 38.84 -20.77 -4.17
N LYS A 556 38.54 -19.71 -4.90
CA LYS A 556 39.38 -19.32 -6.03
C LYS A 556 40.33 -18.14 -5.74
N ILE A 557 39.84 -17.09 -5.08
CA ILE A 557 40.51 -15.78 -5.17
C ILE A 557 41.77 -15.64 -4.33
N ILE A 558 42.12 -16.64 -3.51
CA ILE A 558 43.22 -16.48 -2.56
C ILE A 558 44.56 -16.56 -3.30
N THR A 559 45.34 -15.49 -3.22
CA THR A 559 46.71 -15.45 -3.73
C THR A 559 47.72 -15.25 -2.61
N ALA A 560 47.29 -15.31 -1.36
CA ALA A 560 48.15 -15.14 -0.20
C ALA A 560 48.81 -16.47 0.16
N ASP A 561 49.37 -16.57 1.36
CA ASP A 561 49.95 -17.81 1.86
C ASP A 561 48.89 -18.90 1.97
N PRO A 562 49.09 -20.07 1.34
CA PRO A 562 48.03 -21.08 1.29
C PRO A 562 47.78 -21.79 2.62
N LYS A 563 47.15 -21.08 3.56
CA LYS A 563 46.75 -21.66 4.83
C LYS A 563 45.29 -21.45 5.17
N LYS A 564 44.62 -20.46 4.58
CA LYS A 564 43.22 -20.18 4.86
C LYS A 564 42.28 -20.90 3.91
N GLU A 565 42.80 -21.50 2.84
CA GLU A 565 41.94 -22.14 1.84
C GLU A 565 41.27 -23.39 2.40
N LEU A 566 41.97 -24.15 3.23
CA LEU A 566 41.41 -25.39 3.77
C LEU A 566 40.31 -25.10 4.79
N GLU A 567 40.53 -24.14 5.69
CA GLU A 567 39.48 -23.78 6.63
C GLU A 567 38.32 -23.06 5.94
N ASN A 568 38.60 -22.34 4.84
CA ASN A 568 37.52 -21.70 4.10
C ASN A 568 36.65 -22.72 3.38
N LEU A 569 37.26 -23.75 2.78
CA LEU A 569 36.47 -24.80 2.15
C LEU A 569 35.78 -25.67 3.20
N ALA A 570 36.35 -25.77 4.41
CA ALA A 570 35.68 -26.47 5.49
C ALA A 570 34.45 -25.69 5.96
N THR A 571 34.54 -24.36 6.01
CA THR A 571 33.38 -23.56 6.38
C THR A 571 32.29 -23.62 5.32
N SER A 572 32.67 -23.62 4.03
CA SER A 572 31.66 -23.78 2.99
C SER A 572 31.08 -25.18 2.98
N LEU A 573 31.88 -26.19 3.36
CA LEU A 573 31.37 -27.56 3.44
C LEU A 573 30.38 -27.71 4.59
N GLU A 574 30.67 -27.14 5.75
CA GLU A 574 29.72 -27.23 6.86
C GLU A 574 28.50 -26.35 6.62
N HIS A 575 28.64 -25.28 5.83
CA HIS A 575 27.46 -24.51 5.43
C HIS A 575 26.59 -25.31 4.46
N TYR A 576 27.22 -26.06 3.55
CA TYR A 576 26.48 -26.95 2.66
C TYR A 576 25.76 -28.05 3.43
N LYS A 577 26.42 -28.59 4.45
CA LYS A 577 25.78 -29.57 5.32
C LYS A 577 24.62 -28.96 6.10
N PHE A 578 24.79 -27.70 6.55
CA PHE A 578 23.73 -26.99 7.25
C PHE A 578 22.52 -26.77 6.36
N ILE A 579 22.75 -26.45 5.09
CA ILE A 579 21.65 -26.31 4.14
C ILE A 579 20.96 -27.64 3.90
N VAL A 580 21.73 -28.72 3.70
CA VAL A 580 21.09 -29.99 3.36
C VAL A 580 20.48 -30.71 4.55
N ASP A 581 20.71 -30.25 5.79
CA ASP A 581 19.87 -30.72 6.88
C ASP A 581 18.92 -29.66 7.43
N TYR A 582 18.96 -28.44 6.89
CA TYR A 582 18.04 -27.38 7.29
C TYR A 582 16.87 -27.21 6.34
N CYS A 583 17.04 -27.59 5.07
CA CYS A 583 15.99 -27.42 4.08
C CYS A 583 15.51 -28.73 3.48
N GLU A 584 16.44 -29.64 3.15
CA GLU A 584 16.16 -30.89 2.42
C GLU A 584 15.41 -30.61 1.12
N LYS A 585 15.85 -29.58 0.40
CA LYS A 585 15.19 -29.09 -0.80
C LYS A 585 16.25 -28.82 -1.85
N HIS A 586 15.85 -28.94 -3.12
CA HIS A 586 16.82 -28.89 -4.20
C HIS A 586 17.32 -27.46 -4.40
N PRO A 587 18.61 -27.28 -4.68
CA PRO A 587 19.11 -25.94 -5.05
C PRO A 587 18.97 -25.67 -6.53
N GLU A 588 19.53 -24.56 -6.99
CA GLU A 588 19.57 -24.24 -8.41
C GLU A 588 20.94 -24.43 -9.04
N ALA A 589 22.01 -24.23 -8.27
CA ALA A 589 23.37 -24.41 -8.79
C ALA A 589 24.31 -25.15 -7.85
N ALA A 590 23.90 -25.47 -6.63
CA ALA A 590 24.83 -25.94 -5.61
C ALA A 590 25.26 -27.39 -5.78
N GLN A 591 24.77 -28.11 -6.79
CA GLN A 591 25.35 -29.40 -7.11
C GLN A 591 26.74 -29.24 -7.72
N GLU A 592 26.93 -28.15 -8.49
CA GLU A 592 28.25 -27.83 -9.01
C GLU A 592 29.21 -27.49 -7.88
N ILE A 593 28.75 -26.74 -6.88
CA ILE A 593 29.63 -26.46 -5.75
C ILE A 593 29.75 -27.67 -4.84
N GLU A 594 28.83 -28.64 -4.93
CA GLU A 594 29.00 -29.88 -4.18
C GLU A 594 30.14 -30.71 -4.74
N VAL A 595 30.15 -30.93 -6.06
CA VAL A 595 31.26 -31.69 -6.64
C VAL A 595 32.55 -30.86 -6.62
N GLU A 596 32.43 -29.53 -6.67
CA GLU A 596 33.60 -28.67 -6.53
C GLU A 596 34.17 -28.72 -5.12
N LEU A 597 33.31 -28.83 -4.11
CA LEU A 597 33.76 -28.98 -2.74
C LEU A 597 34.40 -30.33 -2.51
N GLU A 598 33.88 -31.38 -3.18
CA GLU A 598 34.51 -32.69 -3.11
C GLU A 598 35.92 -32.66 -3.71
N LEU A 599 36.05 -32.11 -4.93
CA LEU A 599 37.36 -32.09 -5.58
C LEU A 599 38.33 -31.14 -4.88
N SER A 600 37.84 -30.03 -4.33
CA SER A 600 38.74 -29.12 -3.63
C SER A 600 39.12 -29.67 -2.26
N LYS A 601 38.24 -30.41 -1.60
CA LYS A 601 38.62 -31.10 -0.37
C LYS A 601 39.71 -32.13 -0.65
N GLU A 602 39.59 -32.86 -1.77
CA GLU A 602 40.63 -33.81 -2.17
C GLU A 602 41.95 -33.11 -2.47
N MET A 603 41.91 -32.02 -3.25
CA MET A 603 43.17 -31.42 -3.68
C MET A 603 43.84 -30.59 -2.59
N VAL A 604 43.08 -30.00 -1.65
CA VAL A 604 43.72 -29.28 -0.54
C VAL A 604 43.94 -30.21 0.66
N SER A 605 43.47 -31.45 0.61
CA SER A 605 44.01 -32.46 1.51
C SER A 605 45.26 -33.11 0.95
N LEU A 606 45.47 -33.08 -0.37
CA LEU A 606 46.65 -33.69 -0.97
C LEU A 606 47.83 -32.71 -1.11
N LEU A 607 47.63 -31.63 -1.87
CA LEU A 607 48.70 -30.74 -2.34
C LEU A 607 49.42 -29.90 -1.27
N PRO A 608 48.77 -29.30 -0.25
CA PRO A 608 49.56 -28.56 0.76
C PRO A 608 50.50 -29.42 1.59
N THR A 609 50.25 -30.72 1.70
CA THR A 609 51.22 -31.62 2.33
C THR A 609 52.49 -31.78 1.50
N LYS A 610 52.43 -31.44 0.20
CA LYS A 610 53.60 -31.50 -0.66
C LYS A 610 54.21 -30.12 -0.94
N MET A 611 53.43 -29.04 -0.87
CA MET A 611 53.94 -27.72 -1.20
C MET A 611 54.18 -26.82 0.01
N GLU A 612 53.59 -27.12 1.16
CA GLU A 612 53.79 -26.29 2.34
C GLU A 612 55.05 -26.65 3.12
N ARG A 613 55.74 -27.73 2.74
CA ARG A 613 56.95 -28.15 3.43
C ARG A 613 58.18 -27.95 2.54
N ALA B 26 5.52 -14.77 14.17
CA ALA B 26 4.19 -14.95 13.60
C ALA B 26 3.24 -13.88 14.10
N ILE B 27 2.08 -13.82 13.47
CA ILE B 27 1.06 -12.84 13.81
C ILE B 27 0.25 -13.36 15.00
N LYS B 28 0.21 -12.60 16.07
CA LYS B 28 -0.65 -12.89 17.21
C LYS B 28 -1.79 -11.88 17.17
N VAL B 29 -2.95 -12.31 16.70
CA VAL B 29 -4.12 -11.44 16.66
C VAL B 29 -4.80 -11.46 18.02
N PHE B 30 -4.80 -10.30 18.69
CA PHE B 30 -5.53 -10.09 19.92
C PHE B 30 -6.64 -9.10 19.60
N VAL B 31 -7.84 -9.41 20.06
CA VAL B 31 -9.06 -8.82 19.52
C VAL B 31 -10.04 -8.59 20.66
N ARG B 32 -10.55 -7.36 20.77
CA ARG B 32 -11.54 -7.00 21.78
C ARG B 32 -12.87 -6.76 21.10
N ILE B 33 -13.95 -7.25 21.71
CA ILE B 33 -15.32 -7.04 21.21
C ILE B 33 -16.07 -6.20 22.23
N ARG B 34 -16.63 -5.09 21.76
CA ARG B 34 -17.52 -4.27 22.58
C ARG B 34 -18.81 -5.04 22.81
N PRO B 35 -19.33 -5.05 24.05
CA PRO B 35 -20.66 -5.63 24.31
C PRO B 35 -21.74 -4.94 23.49
N PRO B 36 -22.53 -5.71 22.74
CA PRO B 36 -23.45 -5.09 21.78
C PRO B 36 -24.71 -4.51 22.40
N ALA B 37 -25.07 -4.91 23.61
CA ALA B 37 -26.32 -4.47 24.23
C ALA B 37 -26.30 -2.99 24.59
N ASN B 48 -30.10 -8.65 18.55
CA ASN B 48 -29.95 -9.23 17.22
C ASN B 48 -28.47 -9.38 16.91
N LEU B 49 -27.73 -9.79 17.95
CA LEU B 49 -26.29 -9.96 17.83
C LEU B 49 -25.93 -11.07 16.86
N SER B 50 -26.72 -12.16 16.85
CA SER B 50 -26.57 -13.38 16.05
C SER B 50 -25.23 -14.08 16.26
N LEU B 51 -24.50 -13.75 17.32
CA LEU B 51 -23.20 -14.31 17.63
C LEU B 51 -23.32 -15.19 18.86
N SER B 52 -22.72 -16.38 18.79
CA SER B 52 -22.60 -17.30 19.91
C SER B 52 -21.12 -17.63 20.08
N VAL B 53 -20.69 -17.72 21.33
CA VAL B 53 -19.27 -17.83 21.65
C VAL B 53 -19.08 -19.14 22.40
N LEU B 54 -18.38 -20.09 21.75
CA LEU B 54 -18.11 -21.36 22.42
C LEU B 54 -16.94 -21.23 23.39
N SER B 55 -15.86 -20.58 22.97
CA SER B 55 -14.70 -20.37 23.81
C SER B 55 -14.11 -19.01 23.48
N SER B 56 -13.10 -18.61 24.27
CA SER B 56 -12.46 -17.32 24.04
C SER B 56 -11.72 -17.28 22.71
N THR B 57 -11.21 -18.42 22.24
CA THR B 57 -10.49 -18.44 20.98
C THR B 57 -11.44 -18.32 19.79
N SER B 58 -12.53 -19.09 19.79
CA SER B 58 -13.37 -19.25 18.62
C SER B 58 -14.75 -18.66 18.84
N LEU B 59 -15.30 -18.03 17.81
CA LEU B 59 -16.67 -17.59 17.83
C LEU B 59 -17.47 -18.36 16.80
N ARG B 60 -18.76 -18.54 17.08
CA ARG B 60 -19.70 -19.07 16.11
C ARG B 60 -20.56 -17.91 15.63
N LEU B 61 -20.54 -17.63 14.34
CA LEU B 61 -21.36 -16.56 13.79
C LEU B 61 -22.48 -17.18 12.97
N HIS B 62 -23.70 -17.12 13.51
CA HIS B 62 -24.87 -17.46 12.72
C HIS B 62 -25.09 -16.39 11.67
N SER B 63 -25.19 -16.81 10.42
CA SER B 63 -25.48 -15.89 9.32
C SER B 63 -26.79 -16.31 8.66
N ASN B 64 -27.27 -15.46 7.76
CA ASN B 64 -28.56 -15.66 7.11
C ASN B 64 -28.54 -16.73 6.02
N PRO B 65 -27.53 -16.80 5.06
CA PRO B 65 -27.52 -17.95 4.14
C PRO B 65 -27.26 -19.27 4.86
N GLU B 66 -26.14 -19.37 5.57
CA GLU B 66 -25.79 -20.47 6.45
C GLU B 66 -24.93 -19.91 7.57
N PRO B 67 -25.02 -20.46 8.78
CA PRO B 67 -24.05 -20.11 9.83
C PRO B 67 -22.65 -20.58 9.47
N LYS B 68 -21.66 -19.92 10.07
CA LYS B 68 -20.26 -20.14 9.72
C LYS B 68 -19.43 -19.83 10.96
N THR B 69 -18.51 -20.73 11.30
CA THR B 69 -17.67 -20.56 12.48
C THR B 69 -16.36 -19.86 12.12
N PHE B 70 -15.96 -18.93 12.96
CA PHE B 70 -14.71 -18.19 12.78
C PHE B 70 -13.83 -18.38 14.01
N THR B 71 -12.60 -18.83 13.78
CA THR B 71 -11.62 -19.06 14.82
C THR B 71 -10.56 -17.98 14.75
N PHE B 72 -10.17 -17.45 15.90
CA PHE B 72 -9.08 -16.47 15.99
C PHE B 72 -8.18 -16.85 17.15
N ASP B 73 -7.03 -16.19 17.24
CA ASP B 73 -6.08 -16.50 18.30
C ASP B 73 -6.63 -16.08 19.66
N HIS B 74 -7.08 -14.85 19.77
CA HIS B 74 -7.64 -14.38 21.03
C HIS B 74 -8.77 -13.40 20.74
N VAL B 75 -9.98 -13.76 21.19
CA VAL B 75 -11.18 -12.96 21.02
C VAL B 75 -11.70 -12.64 22.42
N ALA B 76 -11.75 -11.35 22.75
CA ALA B 76 -12.26 -10.90 24.03
C ALA B 76 -13.76 -10.72 23.93
N ASP B 77 -14.47 -11.04 25.00
CA ASP B 77 -15.92 -11.10 24.98
C ASP B 77 -16.54 -9.95 25.78
N VAL B 78 -17.85 -10.05 25.99
CA VAL B 78 -18.57 -9.12 26.85
C VAL B 78 -18.07 -9.21 28.27
N ASP B 79 -17.94 -10.45 28.78
CA ASP B 79 -17.69 -10.67 30.19
C ASP B 79 -16.27 -10.31 30.62
N THR B 80 -15.32 -10.25 29.68
CA THR B 80 -13.98 -9.83 30.06
C THR B 80 -14.00 -8.33 30.39
N THR B 81 -13.16 -7.97 31.35
CA THR B 81 -13.12 -6.61 31.83
C THR B 81 -12.05 -5.83 31.09
N GLN B 82 -12.04 -4.52 31.32
CA GLN B 82 -10.97 -3.68 30.82
C GLN B 82 -9.63 -4.08 31.44
N GLU B 83 -9.64 -4.40 32.73
CA GLU B 83 -8.43 -4.77 33.43
C GLU B 83 -7.90 -6.13 32.99
N SER B 84 -8.80 -7.06 32.64
CA SER B 84 -8.34 -8.38 32.19
C SER B 84 -7.64 -8.28 30.83
N VAL B 85 -8.22 -7.51 29.91
CA VAL B 85 -7.59 -7.28 28.60
C VAL B 85 -6.27 -6.53 28.78
N PHE B 86 -6.28 -5.49 29.63
CA PHE B 86 -5.06 -4.72 29.93
C PHE B 86 -3.96 -5.61 30.48
N ALA B 87 -4.25 -6.34 31.57
CA ALA B 87 -3.31 -7.23 32.24
C ALA B 87 -2.79 -8.30 31.30
N THR B 88 -3.64 -9.24 30.86
CA THR B 88 -3.18 -10.33 29.99
C THR B 88 -2.62 -9.81 28.66
N VAL B 89 -3.49 -9.22 27.83
CA VAL B 89 -3.10 -8.79 26.49
C VAL B 89 -2.05 -7.70 26.55
N ALA B 90 -2.40 -6.55 27.16
CA ALA B 90 -1.52 -5.39 27.10
C ALA B 90 -0.26 -5.59 27.94
N LYS B 91 -0.36 -6.16 29.15
CA LYS B 91 0.83 -6.35 29.97
C LYS B 91 1.79 -7.35 29.34
N SER B 92 1.29 -8.46 28.77
CA SER B 92 2.17 -9.42 28.11
C SER B 92 2.85 -8.78 26.90
N ILE B 93 2.09 -8.04 26.10
CA ILE B 93 2.69 -7.49 24.89
C ILE B 93 3.62 -6.32 25.22
N VAL B 94 3.29 -5.50 26.23
CA VAL B 94 4.14 -4.37 26.60
C VAL B 94 5.45 -4.84 27.23
N GLU B 95 5.40 -5.90 28.05
CA GLU B 95 6.62 -6.57 28.50
C GLU B 95 7.49 -7.04 27.34
N SER B 96 6.89 -7.77 26.39
CA SER B 96 7.69 -8.22 25.24
C SER B 96 8.15 -7.06 24.36
N CYS B 97 7.41 -5.94 24.35
CA CYS B 97 7.82 -4.75 23.63
C CYS B 97 9.03 -4.09 24.28
N MET B 98 9.16 -4.22 25.61
CA MET B 98 10.28 -3.59 26.31
C MET B 98 11.64 -4.13 25.86
N SER B 99 11.68 -5.35 25.31
CA SER B 99 12.91 -5.90 24.76
C SER B 99 13.43 -5.13 23.55
N GLY B 100 12.61 -4.29 22.92
CA GLY B 100 13.04 -3.47 21.81
C GLY B 100 12.32 -3.73 20.51
N TYR B 101 11.47 -4.76 20.46
CA TYR B 101 10.65 -5.02 19.30
C TYR B 101 9.39 -4.16 19.37
N ASN B 102 9.02 -3.61 18.23
CA ASN B 102 7.80 -2.82 18.06
C ASN B 102 6.61 -3.78 17.93
N GLY B 103 6.13 -4.27 19.06
CA GLY B 103 4.83 -4.94 19.06
C GLY B 103 3.79 -3.90 18.72
N THR B 104 2.90 -4.22 17.78
CA THR B 104 2.10 -3.22 17.09
C THR B 104 0.71 -3.14 17.74
N ILE B 105 0.64 -2.43 18.85
CA ILE B 105 -0.62 -2.24 19.56
C ILE B 105 -1.41 -1.13 18.86
N PHE B 106 -2.66 -1.41 18.51
CA PHE B 106 -3.45 -0.37 17.87
C PHE B 106 -4.92 -0.53 18.20
N ALA B 107 -5.58 0.58 18.42
CA ALA B 107 -7.03 0.57 18.43
C ALA B 107 -7.51 0.82 17.01
N TYR B 108 -8.61 0.19 16.65
CA TYR B 108 -9.17 0.29 15.31
C TYR B 108 -10.65 -0.06 15.42
N GLY B 109 -11.45 0.48 14.51
CA GLY B 109 -12.79 -0.06 14.40
C GLY B 109 -13.66 0.75 13.46
N GLN B 110 -14.93 0.34 13.42
CA GLN B 110 -15.97 1.01 12.65
C GLN B 110 -16.64 2.06 13.56
N THR B 111 -17.75 2.64 13.12
CA THR B 111 -18.51 3.53 14.01
C THR B 111 -19.17 2.72 15.12
N GLY B 112 -19.10 3.23 16.33
CA GLY B 112 -19.62 2.50 17.47
C GLY B 112 -18.83 1.26 17.81
N SER B 113 -17.53 1.25 17.49
CA SER B 113 -16.73 0.07 17.73
C SER B 113 -16.42 -0.15 19.20
N GLY B 114 -16.45 0.89 20.00
CA GLY B 114 -16.05 0.76 21.38
C GLY B 114 -14.65 1.22 21.68
N LYS B 115 -13.96 1.83 20.70
CA LYS B 115 -12.61 2.36 20.88
C LYS B 115 -12.58 3.51 21.88
N THR B 116 -13.52 4.45 21.77
CA THR B 116 -13.40 5.72 22.47
C THR B 116 -13.61 5.52 23.97
N PHE B 117 -14.55 4.63 24.32
CA PHE B 117 -14.79 4.28 25.72
C PHE B 117 -13.57 3.60 26.33
N THR B 118 -12.99 2.62 25.62
CA THR B 118 -11.94 1.83 26.25
C THR B 118 -10.61 2.58 26.31
N MET B 119 -10.33 3.46 25.35
CA MET B 119 -9.06 4.18 25.36
C MET B 119 -9.21 5.59 25.90
N MET B 120 -10.10 6.39 25.31
CA MET B 120 -10.27 7.76 25.80
C MET B 120 -11.20 7.83 27.00
N GLY B 121 -12.30 7.08 26.99
CA GLY B 121 -13.32 7.22 28.00
C GLY B 121 -14.41 8.15 27.51
N PRO B 122 -15.61 8.04 28.08
CA PRO B 122 -16.76 8.79 27.51
C PRO B 122 -16.68 10.29 27.74
N SER B 123 -16.29 10.71 28.93
CA SER B 123 -16.05 12.12 29.26
C SER B 123 -15.11 12.17 30.44
N GLU B 124 -14.73 13.38 30.83
CA GLU B 124 -13.94 13.57 32.05
C GLU B 124 -14.88 13.91 33.19
N SER B 125 -15.59 12.88 33.64
CA SER B 125 -16.61 13.04 34.67
C SER B 125 -16.88 11.72 35.37
N PHE B 128 -10.74 11.79 37.75
CA PHE B 128 -10.13 10.50 38.04
C PHE B 128 -11.17 9.47 38.47
N SER B 129 -11.65 8.70 37.51
CA SER B 129 -12.61 7.63 37.75
C SER B 129 -12.12 6.40 37.02
N HIS B 130 -11.62 5.42 37.80
CA HIS B 130 -10.63 4.45 37.34
C HIS B 130 -11.13 3.59 36.20
N ASN B 131 -12.32 2.99 36.34
CA ASN B 131 -12.88 2.20 35.27
C ASN B 131 -13.32 3.06 34.10
N LEU B 132 -13.78 4.28 34.36
CA LEU B 132 -14.27 5.12 33.27
C LEU B 132 -13.12 5.78 32.52
N ARG B 133 -12.03 6.14 33.19
CA ARG B 133 -10.83 6.52 32.45
C ARG B 133 -10.22 5.30 31.80
N GLY B 134 -9.53 5.53 30.68
CA GLY B 134 -9.25 4.48 29.72
C GLY B 134 -8.02 3.65 30.05
N VAL B 135 -7.71 2.76 29.11
CA VAL B 135 -6.54 1.91 29.25
C VAL B 135 -5.25 2.68 28.97
N ILE B 136 -5.32 3.84 28.28
CA ILE B 136 -4.10 4.60 27.97
C ILE B 136 -3.34 5.10 29.20
N PRO B 137 -3.98 5.72 30.22
CA PRO B 137 -3.19 6.05 31.41
C PRO B 137 -2.79 4.83 32.23
N ARG B 138 -3.52 3.72 32.12
CA ARG B 138 -3.06 2.46 32.71
C ARG B 138 -1.78 1.97 32.06
N SER B 139 -1.70 2.12 30.73
CA SER B 139 -0.47 1.82 30.01
C SER B 139 0.63 2.79 30.38
N PHE B 140 0.28 4.04 30.68
CA PHE B 140 1.26 5.03 31.13
C PHE B 140 1.84 4.64 32.50
N GLU B 141 0.98 4.34 33.47
CA GLU B 141 1.48 4.00 34.80
C GLU B 141 2.20 2.65 34.81
N TYR B 142 1.77 1.70 33.97
CA TYR B 142 2.50 0.45 33.85
C TYR B 142 3.85 0.65 33.17
N LEU B 143 3.92 1.53 32.15
CA LEU B 143 5.20 1.72 31.46
C LEU B 143 6.18 2.48 32.33
N PHE B 144 5.71 3.47 33.09
CA PHE B 144 6.60 4.18 33.98
C PHE B 144 6.96 3.36 35.21
N SER B 145 6.12 2.40 35.61
CA SER B 145 6.54 1.44 36.62
C SER B 145 7.65 0.54 36.09
N LEU B 146 7.52 0.10 34.84
CA LEU B 146 8.62 -0.63 34.20
C LEU B 146 9.85 0.27 34.04
N ILE B 147 9.66 1.57 33.83
CA ILE B 147 10.78 2.49 33.62
C ILE B 147 11.57 2.68 34.91
N ASP B 148 10.88 3.01 36.01
CA ASP B 148 11.63 3.27 37.24
C ASP B 148 12.13 1.99 37.90
N ARG B 149 11.44 0.85 37.70
CA ARG B 149 12.03 -0.40 38.19
C ARG B 149 13.08 -0.95 37.25
N GLU B 150 13.14 -0.45 36.02
CA GLU B 150 14.18 -0.86 35.08
C GLU B 150 15.37 0.09 35.09
N LYS B 151 15.15 1.36 35.44
CA LYS B 151 16.20 2.38 35.42
C LYS B 151 17.30 2.07 36.42
N GLU B 152 18.44 1.62 35.91
CA GLU B 152 19.55 1.21 36.75
C GLU B 152 20.23 2.41 37.36
N LYS B 158 21.95 10.60 28.05
CA LYS B 158 20.64 10.11 27.64
C LYS B 158 20.41 8.69 28.17
N SER B 159 19.14 8.35 28.34
CA SER B 159 18.71 7.12 28.99
C SER B 159 17.42 6.68 28.31
N PHE B 160 16.62 5.89 29.00
CA PHE B 160 15.21 5.62 28.66
C PHE B 160 14.49 6.93 28.35
N LEU B 161 14.08 7.11 27.09
CA LEU B 161 13.52 8.37 26.63
C LEU B 161 12.13 8.14 26.07
N SER B 162 11.20 9.03 26.44
CA SER B 162 9.83 8.91 26.01
C SER B 162 9.61 9.74 24.75
N LYS B 163 8.85 9.18 23.81
CA LYS B 163 8.38 9.95 22.67
C LYS B 163 6.91 9.65 22.49
N CYS B 164 6.09 10.69 22.60
CA CYS B 164 4.66 10.57 22.41
C CYS B 164 4.25 11.61 21.38
N SER B 165 3.26 11.26 20.56
CA SER B 165 2.76 12.21 19.58
C SER B 165 1.30 11.93 19.32
N PHE B 166 0.50 12.99 19.25
CA PHE B 166 -0.87 12.91 18.80
C PHE B 166 -0.98 13.57 17.43
N ILE B 167 -1.62 12.85 16.51
CA ILE B 167 -1.90 13.37 15.17
C ILE B 167 -3.34 12.98 14.87
N GLU B 168 -4.06 13.84 14.13
CA GLU B 168 -5.34 13.45 13.57
C GLU B 168 -5.38 13.84 12.10
N ILE B 169 -5.92 12.96 11.27
CA ILE B 169 -5.92 13.14 9.82
C ILE B 169 -7.36 13.35 9.38
N TYR B 170 -7.71 14.58 9.01
CA TYR B 170 -9.00 14.85 8.40
C TYR B 170 -8.78 15.38 6.99
N ASN B 171 -9.70 15.00 6.08
CA ASN B 171 -9.71 15.31 4.63
C ASN B 171 -8.34 15.14 3.97
N GLU B 172 -7.66 14.05 4.35
CA GLU B 172 -6.27 13.74 3.97
C GLU B 172 -5.33 14.89 4.29
N GLN B 173 -5.42 15.39 5.51
CA GLN B 173 -4.53 16.44 5.98
C GLN B 173 -4.13 16.17 7.42
N ILE B 174 -2.85 16.38 7.70
CA ILE B 174 -2.30 16.15 9.03
C ILE B 174 -2.67 17.33 9.92
N TYR B 175 -3.18 17.03 11.12
CA TYR B 175 -3.44 18.04 12.12
C TYR B 175 -2.81 17.63 13.43
N ASP B 176 -2.28 18.60 14.15
CA ASP B 176 -1.80 18.40 15.51
C ASP B 176 -2.67 19.22 16.45
N LEU B 177 -3.05 18.64 17.57
CA LEU B 177 -3.96 19.32 18.47
C LEU B 177 -3.27 20.28 19.42
N LEU B 178 -1.93 20.23 19.50
CA LEU B 178 -1.20 21.13 20.39
C LEU B 178 -1.31 22.58 19.93
N ASP B 179 -1.07 22.82 18.64
CA ASP B 179 -1.22 24.14 18.05
C ASP B 179 -2.33 24.11 17.02
N SER B 180 -3.18 25.14 17.04
CA SER B 180 -4.22 25.25 16.01
C SER B 180 -3.59 25.56 14.65
N ALA B 181 -2.47 26.28 14.63
CA ALA B 181 -1.77 26.56 13.38
C ALA B 181 -1.19 25.30 12.77
N SER B 182 -0.83 24.31 13.60
CA SER B 182 -0.28 23.05 13.13
C SER B 182 -1.37 22.28 12.38
N ALA B 183 -1.26 22.30 11.05
CA ALA B 183 -2.26 21.81 10.13
C ALA B 183 -1.63 21.69 8.76
N GLY B 184 -1.82 20.56 8.07
CA GLY B 184 -1.21 20.42 6.76
C GLY B 184 0.29 20.21 6.78
N LEU B 185 0.84 19.92 7.96
CA LEU B 185 2.22 19.48 8.10
C LEU B 185 2.40 18.18 7.33
N TYR B 186 3.58 17.95 6.78
CA TYR B 186 3.75 16.81 5.90
C TYR B 186 4.58 15.72 6.57
N LEU B 187 4.17 14.48 6.30
CA LEU B 187 4.88 13.31 6.79
C LEU B 187 6.25 13.19 6.11
N ARG B 188 7.24 12.71 6.86
CA ARG B 188 8.48 12.28 6.26
C ARG B 188 9.06 11.13 7.07
N GLU B 189 9.54 10.10 6.37
CA GLU B 189 10.33 9.05 7.00
C GLU B 189 11.77 9.52 7.03
N HIS B 190 12.31 9.70 8.22
CA HIS B 190 13.64 10.23 8.29
C HIS B 190 14.66 9.10 8.11
N ILE B 191 15.91 9.51 7.96
CA ILE B 191 17.06 8.61 7.87
C ILE B 191 17.50 8.17 9.25
N LYS B 192 16.73 8.51 10.27
CA LYS B 192 16.94 7.94 11.59
C LYS B 192 16.43 6.51 11.67
N LYS B 193 15.46 6.16 10.81
CA LYS B 193 14.40 5.11 10.83
C LYS B 193 13.18 5.60 11.60
N GLY B 194 13.20 6.80 12.14
CA GLY B 194 12.03 7.37 12.78
C GLY B 194 11.17 8.12 11.79
N VAL B 195 10.06 7.50 11.41
CA VAL B 195 9.07 8.17 10.57
C VAL B 195 8.20 9.10 11.41
N PHE B 196 8.07 10.35 10.96
CA PHE B 196 7.52 11.40 11.79
C PHE B 196 6.85 12.45 10.92
N VAL B 197 6.14 13.37 11.57
CA VAL B 197 5.53 14.49 10.89
C VAL B 197 6.49 15.67 10.99
N VAL B 198 6.79 16.32 9.86
CA VAL B 198 7.82 17.36 9.81
C VAL B 198 7.44 18.55 10.68
N GLY B 199 6.17 18.96 10.65
CA GLY B 199 5.77 20.11 11.44
C GLY B 199 5.62 19.85 12.92
N ALA B 200 5.52 18.59 13.34
CA ALA B 200 5.21 18.27 14.72
C ALA B 200 6.41 18.46 15.63
N VAL B 201 6.12 18.80 16.88
CA VAL B 201 7.11 18.87 17.94
C VAL B 201 6.65 17.94 19.06
N GLU B 202 7.50 16.99 19.44
CA GLU B 202 7.17 16.11 20.53
C GLU B 202 7.52 16.75 21.86
N GLN B 203 7.00 16.17 22.93
CA GLN B 203 7.38 16.55 24.28
C GLN B 203 7.86 15.32 25.02
N VAL B 204 8.87 15.50 25.86
CA VAL B 204 9.31 14.44 26.75
C VAL B 204 8.42 14.45 27.98
N VAL B 205 8.13 13.28 28.51
CA VAL B 205 7.24 13.16 29.66
C VAL B 205 7.97 12.35 30.73
N THR B 206 7.97 12.88 31.95
CA THR B 206 8.70 12.21 33.02
C THR B 206 7.85 11.15 33.73
N SER B 207 6.54 11.35 33.81
CA SER B 207 5.71 10.49 34.64
C SER B 207 4.32 10.35 34.03
N ALA B 208 3.57 9.38 34.53
CA ALA B 208 2.25 9.10 34.00
C ALA B 208 1.25 10.19 34.35
N ALA B 209 1.50 10.97 35.41
CA ALA B 209 0.61 12.06 35.75
C ALA B 209 0.72 13.21 34.76
N GLU B 210 1.96 13.54 34.35
CA GLU B 210 2.13 14.54 33.30
C GLU B 210 1.64 14.01 31.96
N ALA B 211 1.76 12.70 31.74
CA ALA B 211 1.17 12.08 30.56
C ALA B 211 -0.35 12.14 30.60
N TYR B 212 -0.95 12.05 31.79
CA TYR B 212 -2.39 12.21 31.91
C TYR B 212 -2.80 13.66 31.68
N GLN B 213 -1.96 14.60 32.11
CA GLN B 213 -2.25 16.02 31.87
C GLN B 213 -2.16 16.35 30.38
N VAL B 214 -1.13 15.84 29.69
CA VAL B 214 -0.97 16.08 28.26
C VAL B 214 -2.02 15.32 27.46
N LEU B 215 -2.34 14.08 27.87
CA LEU B 215 -3.34 13.29 27.17
C LEU B 215 -4.74 13.85 27.40
N SER B 216 -5.02 14.33 28.60
CA SER B 216 -6.29 15.01 28.85
C SER B 216 -6.35 16.36 28.14
N GLY B 217 -5.21 17.03 27.97
CA GLY B 217 -5.20 18.26 27.19
C GLY B 217 -5.42 18.00 25.71
N GLY B 218 -4.83 16.93 25.19
CA GLY B 218 -5.07 16.56 23.79
C GLY B 218 -6.47 16.03 23.57
N TRP B 219 -6.99 15.22 24.49
CA TRP B 219 -8.37 14.76 24.40
C TRP B 219 -9.36 15.90 24.63
N ARG B 220 -8.99 16.90 25.42
CA ARG B 220 -9.80 18.09 25.56
C ARG B 220 -9.74 18.92 24.29
N ASN B 221 -8.59 18.93 23.62
CA ASN B 221 -8.52 19.50 22.29
C ASN B 221 -9.31 18.67 21.28
N ARG B 222 -9.52 17.38 21.55
CA ARG B 222 -10.43 16.61 20.71
C ARG B 222 -11.88 16.98 20.99
N ARG B 223 -12.23 17.33 22.24
CA ARG B 223 -13.58 17.82 22.52
C ARG B 223 -13.84 19.17 21.84
N VAL B 224 -12.90 20.11 22.03
CA VAL B 224 -12.94 21.39 21.32
C VAL B 224 -12.88 21.19 19.81
N ALA B 225 -12.16 20.15 19.36
CA ALA B 225 -12.08 19.84 17.94
C ALA B 225 -13.35 19.21 17.41
N SER B 226 -14.10 18.51 18.28
CA SER B 226 -15.42 18.04 17.90
C SER B 226 -16.34 19.23 17.65
N THR B 227 -16.15 20.31 18.42
CA THR B 227 -16.82 21.55 18.03
C THR B 227 -16.27 22.16 16.72
N SER B 228 -15.04 21.81 16.32
CA SER B 228 -14.38 22.42 15.17
C SER B 228 -14.74 21.65 13.90
N MET B 229 -13.92 21.84 12.85
CA MET B 229 -14.10 21.18 11.56
C MET B 229 -14.06 19.65 11.65
N ASN B 230 -13.47 19.08 12.70
CA ASN B 230 -13.57 17.64 12.95
C ASN B 230 -14.98 17.34 13.46
N ARG B 231 -15.90 17.17 12.50
CA ARG B 231 -17.28 16.86 12.84
C ARG B 231 -17.41 15.47 13.46
N GLU B 232 -16.83 14.45 12.82
CA GLU B 232 -17.03 13.08 13.24
C GLU B 232 -15.69 12.39 13.46
N SER B 233 -15.64 11.55 14.50
CA SER B 233 -14.48 10.69 14.69
C SER B 233 -14.43 9.59 13.65
N SER B 234 -15.56 9.28 13.02
CA SER B 234 -15.56 8.37 11.88
C SER B 234 -14.77 8.94 10.71
N ARG B 235 -14.91 10.24 10.44
CA ARG B 235 -14.28 10.81 9.26
C ARG B 235 -12.77 10.99 9.45
N SER B 236 -12.35 11.38 10.65
CA SER B 236 -10.94 11.68 10.89
C SER B 236 -10.13 10.39 11.01
N HIS B 237 -8.81 10.54 10.97
CA HIS B 237 -7.87 9.46 11.28
C HIS B 237 -6.97 9.95 12.41
N ALA B 238 -7.45 9.78 13.64
CA ALA B 238 -6.75 10.24 14.83
C ALA B 238 -5.77 9.17 15.28
N VAL B 239 -4.48 9.50 15.26
CA VAL B 239 -3.43 8.57 15.66
C VAL B 239 -2.62 9.16 16.81
N PHE B 240 -2.74 8.54 17.97
CA PHE B 240 -1.83 8.77 19.09
C PHE B 240 -0.81 7.65 19.07
N THR B 241 0.46 8.00 19.02
CA THR B 241 1.52 7.01 19.05
C THR B 241 2.39 7.23 20.28
N ILE B 242 2.86 6.14 20.85
CA ILE B 242 3.83 6.15 21.93
C ILE B 242 5.04 5.39 21.42
N THR B 243 6.18 6.07 21.32
CA THR B 243 7.44 5.43 20.99
C THR B 243 8.39 5.56 22.18
N ILE B 244 8.88 4.43 22.69
CA ILE B 244 9.68 4.41 23.91
C ILE B 244 11.11 4.04 23.53
N GLU B 245 12.04 4.94 23.84
CA GLU B 245 13.46 4.74 23.60
C GLU B 245 14.14 4.23 24.86
N SER B 246 15.25 3.52 24.67
CA SER B 246 16.07 3.02 25.76
C SER B 246 17.54 3.11 25.37
N MET B 247 18.38 3.48 26.32
CA MET B 247 19.81 3.26 26.19
C MET B 247 20.16 1.96 26.90
N GLU B 248 21.16 1.25 26.39
CA GLU B 248 21.62 0.04 27.05
C GLU B 248 22.20 0.35 28.42
N LYS B 249 23.36 1.03 28.43
CA LYS B 249 23.99 1.56 29.63
C LYS B 249 25.09 2.56 29.28
N CYS B 250 24.94 3.81 29.71
CA CYS B 250 26.00 4.82 29.58
C CYS B 250 25.94 5.80 30.74
N VAL B 254 24.25 4.99 23.33
CA VAL B 254 24.61 3.64 22.96
C VAL B 254 23.37 3.07 22.21
N ASN B 255 23.16 1.75 22.20
CA ASN B 255 22.11 1.12 21.39
C ASN B 255 20.73 1.55 21.86
N ILE B 256 19.79 1.58 20.91
CA ILE B 256 18.47 2.16 21.10
C ILE B 256 17.44 1.06 20.90
N ARG B 257 16.47 0.97 21.82
CA ARG B 257 15.38 0.02 21.74
C ARG B 257 14.06 0.79 21.59
N THR B 258 13.18 0.32 20.72
CA THR B 258 11.99 1.07 20.32
C THR B 258 10.74 0.20 20.37
N SER B 259 9.70 0.71 21.03
CA SER B 259 8.38 0.10 21.05
C SER B 259 7.36 1.11 20.55
N LEU B 260 6.34 0.66 19.83
CA LEU B 260 5.30 1.56 19.32
C LEU B 260 3.93 1.14 19.83
N LEU B 261 3.19 2.09 20.38
CA LEU B 261 1.85 1.90 20.94
C LEU B 261 0.90 2.85 20.21
N ASN B 262 0.10 2.33 19.30
CA ASN B 262 -0.74 3.20 18.49
C ASN B 262 -2.16 3.22 19.03
N LEU B 263 -2.79 4.38 18.89
CA LEU B 263 -4.21 4.53 19.15
C LEU B 263 -4.73 5.10 17.85
N VAL B 264 -5.35 4.29 17.03
CA VAL B 264 -5.75 4.72 15.70
C VAL B 264 -7.26 4.87 15.68
N ASP B 265 -7.74 5.92 15.06
CA ASP B 265 -9.17 6.16 14.97
C ASP B 265 -9.44 6.47 13.50
N LEU B 266 -9.57 5.40 12.72
CA LEU B 266 -9.65 5.45 11.26
C LEU B 266 -11.05 5.81 10.78
N ALA B 267 -11.32 5.55 9.50
CA ALA B 267 -12.69 5.52 8.98
C ALA B 267 -13.57 4.57 9.79
N GLY B 268 -14.84 4.93 9.92
CA GLY B 268 -15.77 4.14 10.68
C GLY B 268 -16.49 3.07 9.88
N SER B 269 -17.83 3.06 9.94
CA SER B 269 -18.66 2.11 9.23
C SER B 269 -19.08 2.62 7.86
N GLU B 270 -18.83 3.89 7.54
CA GLU B 270 -19.24 4.48 6.28
C GLU B 270 -18.47 3.85 5.12
N ARG B 271 -18.95 4.11 3.91
CA ARG B 271 -18.57 3.29 2.77
C ARG B 271 -17.96 4.11 1.64
N GLN B 272 -16.96 4.92 1.95
CA GLN B 272 -16.26 5.72 0.95
C GLN B 272 -14.79 5.39 0.79
N LYS B 273 -14.14 4.78 1.78
CA LYS B 273 -12.68 4.78 1.90
C LYS B 273 -12.21 3.38 2.30
N ASP B 274 -11.01 3.30 2.91
CA ASP B 274 -10.26 2.07 3.21
C ASP B 274 -9.84 1.35 1.94
N THR B 275 -8.78 1.87 1.31
CA THR B 275 -8.33 1.70 -0.08
C THR B 275 -8.52 0.34 -0.76
N HIS B 276 -8.25 -0.77 -0.09
CA HIS B 276 -8.37 -2.08 -0.72
C HIS B 276 -9.48 -2.87 -0.04
N ALA B 277 -10.24 -3.62 -0.85
CA ALA B 277 -11.30 -4.48 -0.34
C ALA B 277 -11.50 -5.65 -1.29
N GLU B 278 -11.48 -6.87 -0.75
CA GLU B 278 -11.91 -8.05 -1.48
C GLU B 278 -13.42 -8.19 -1.50
N GLY B 279 -14.13 -7.30 -0.84
CA GLY B 279 -15.54 -7.11 -1.09
C GLY B 279 -15.67 -6.08 -2.19
N MET B 280 -16.23 -4.93 -1.86
CA MET B 280 -16.46 -3.86 -2.83
C MET B 280 -15.12 -3.23 -3.23
N ARG B 281 -14.56 -3.72 -4.33
CA ARG B 281 -13.54 -2.98 -5.07
C ARG B 281 -14.22 -2.26 -6.24
N LEU B 282 -15.09 -1.33 -5.88
CA LEU B 282 -16.03 -0.73 -6.82
C LEU B 282 -16.36 0.67 -6.34
N LYS B 283 -15.92 1.69 -7.10
CA LYS B 283 -15.90 3.06 -6.60
C LYS B 283 -17.20 3.82 -6.91
N GLU B 284 -18.27 3.12 -7.27
CA GLU B 284 -19.63 3.34 -6.75
C GLU B 284 -20.33 4.67 -7.07
N ALA B 285 -19.61 5.73 -7.43
CA ALA B 285 -20.13 7.06 -7.21
C ALA B 285 -20.48 7.77 -8.50
N GLY B 286 -21.56 8.56 -8.44
CA GLY B 286 -21.85 9.51 -9.49
C GLY B 286 -21.05 10.77 -9.25
N ASN B 287 -19.75 10.73 -9.51
CA ASN B 287 -18.92 11.92 -9.44
C ASN B 287 -18.25 12.17 -10.78
N ILE B 288 -17.31 13.10 -10.79
CA ILE B 288 -16.56 13.43 -12.00
C ILE B 288 -15.54 12.32 -12.22
N ASN B 289 -15.58 11.73 -13.41
CA ASN B 289 -14.74 10.59 -13.75
C ASN B 289 -13.27 10.93 -13.91
N ARG B 290 -12.89 12.22 -13.80
CA ARG B 290 -11.49 12.55 -13.60
C ARG B 290 -10.96 11.90 -12.33
N SER B 291 -11.55 12.23 -11.18
CA SER B 291 -11.05 11.67 -9.91
C SER B 291 -11.40 10.19 -9.76
N LEU B 292 -12.61 9.81 -10.18
CA LEU B 292 -13.01 8.41 -10.22
C LEU B 292 -12.06 7.60 -11.09
N SER B 293 -11.64 8.17 -12.22
CA SER B 293 -10.67 7.51 -13.08
C SER B 293 -9.25 7.55 -12.54
N THR B 294 -8.90 8.52 -11.68
CA THR B 294 -7.59 8.45 -11.02
C THR B 294 -7.53 7.26 -10.08
N LEU B 295 -8.58 7.07 -9.28
CA LEU B 295 -8.63 5.85 -8.45
C LEU B 295 -8.75 4.60 -9.32
N GLY B 296 -9.47 4.67 -10.44
CA GLY B 296 -9.53 3.54 -11.35
C GLY B 296 -8.19 3.23 -11.98
N GLN B 297 -7.38 4.25 -12.22
CA GLN B 297 -6.01 4.07 -12.67
C GLN B 297 -5.16 3.37 -11.63
N VAL B 298 -5.20 3.82 -10.37
CA VAL B 298 -4.32 3.22 -9.37
C VAL B 298 -4.74 1.79 -9.02
N ILE B 299 -6.05 1.49 -9.08
CA ILE B 299 -6.45 0.09 -8.96
C ILE B 299 -6.09 -0.68 -10.24
N THR B 300 -6.03 -0.01 -11.39
CA THR B 300 -5.52 -0.69 -12.58
C THR B 300 -4.03 -0.95 -12.48
N ALA B 301 -3.30 -0.13 -11.75
CA ALA B 301 -1.90 -0.45 -11.44
C ALA B 301 -1.81 -1.66 -10.53
N LEU B 302 -2.76 -1.76 -9.60
CA LEU B 302 -2.88 -2.97 -8.79
C LEU B 302 -3.23 -4.19 -9.65
N VAL B 303 -3.90 -3.98 -10.78
CA VAL B 303 -3.96 -5.05 -11.78
C VAL B 303 -2.58 -5.24 -12.42
N ASP B 304 -1.84 -4.15 -12.64
CA ASP B 304 -0.55 -4.20 -13.31
C ASP B 304 0.62 -4.46 -12.35
N VAL B 305 0.39 -5.19 -11.26
CA VAL B 305 1.51 -5.79 -10.54
C VAL B 305 2.26 -6.80 -11.43
N GLY B 306 1.58 -7.82 -11.94
CA GLY B 306 2.22 -9.00 -12.49
C GLY B 306 1.48 -10.23 -12.01
N ASN B 307 2.17 -11.38 -12.04
CA ASN B 307 1.50 -12.66 -11.79
C ASN B 307 1.46 -13.03 -10.31
N GLN B 310 6.35 -10.70 -4.72
CA GLN B 310 7.33 -9.61 -4.71
C GLN B 310 6.65 -8.24 -4.78
N ARG B 311 5.58 -8.11 -4.00
CA ARG B 311 4.84 -6.87 -3.87
C ARG B 311 5.71 -5.83 -3.19
N HIS B 312 6.09 -4.80 -3.95
CA HIS B 312 6.61 -3.57 -3.38
C HIS B 312 5.41 -2.79 -2.87
N VAL B 313 5.28 -2.74 -1.54
CA VAL B 313 4.08 -2.19 -0.90
C VAL B 313 3.96 -0.70 -1.20
N SER B 314 2.75 -0.27 -1.53
CA SER B 314 2.55 1.04 -2.11
C SER B 314 2.69 2.12 -1.04
N TYR B 315 3.39 3.19 -1.40
CA TYR B 315 3.58 4.34 -0.52
C TYR B 315 2.97 5.61 -1.07
N ARG B 316 2.69 5.67 -2.36
CA ARG B 316 1.98 6.79 -2.94
C ARG B 316 0.46 6.60 -2.91
N ASP B 317 -0.01 5.47 -2.36
CA ASP B 317 -1.43 5.24 -2.15
C ASP B 317 -2.01 6.21 -1.13
N SER B 318 -1.57 6.10 0.12
CA SER B 318 -2.08 6.94 1.20
C SER B 318 -0.96 7.18 2.20
N LYS B 319 -1.00 8.35 2.84
CA LYS B 319 0.02 8.66 3.83
C LYS B 319 -0.24 7.96 5.15
N LEU B 320 -1.52 7.74 5.44
CA LEU B 320 -1.97 6.95 6.57
C LEU B 320 -1.32 5.57 6.59
N THR B 321 -1.47 4.83 5.49
CA THR B 321 -0.88 3.49 5.41
C THR B 321 0.64 3.51 5.24
N PHE B 322 1.26 4.66 4.99
CA PHE B 322 2.73 4.74 5.04
C PHE B 322 3.21 4.82 6.48
N LEU B 323 2.61 5.78 7.24
CA LEU B 323 2.69 5.86 8.69
C LEU B 323 2.25 4.58 9.40
N LEU B 324 1.55 3.69 8.71
CA LEU B 324 1.34 2.33 9.17
C LEU B 324 2.27 1.31 8.55
N ARG B 325 2.89 1.60 7.40
CA ARG B 325 3.71 0.60 6.72
C ARG B 325 5.06 0.47 7.39
N ASP B 326 5.42 1.45 8.20
CA ASP B 326 6.44 1.23 9.22
C ASP B 326 6.10 0.07 10.18
N SER B 327 4.83 -0.29 10.35
CA SER B 327 4.43 -1.33 11.28
C SER B 327 4.13 -2.67 10.61
N LEU B 328 3.14 -2.72 9.72
CA LEU B 328 2.79 -3.98 9.06
C LEU B 328 3.90 -4.35 8.09
N GLY B 329 4.40 -5.58 8.21
CA GLY B 329 5.61 -5.93 7.48
C GLY B 329 6.85 -5.21 7.96
N GLY B 330 6.84 -4.66 9.17
CA GLY B 330 8.03 -4.12 9.76
C GLY B 330 8.92 -5.22 10.27
N ASN B 331 10.16 -4.85 10.59
CA ASN B 331 11.08 -5.82 11.18
C ASN B 331 10.99 -5.63 12.69
N ALA B 332 10.03 -6.31 13.28
CA ALA B 332 9.81 -6.40 14.71
C ALA B 332 8.99 -7.66 14.96
N LYS B 333 8.65 -7.89 16.21
CA LYS B 333 7.68 -8.94 16.52
C LYS B 333 6.32 -8.53 15.99
N THR B 334 5.58 -9.50 15.43
CA THR B 334 4.25 -9.23 14.92
C THR B 334 3.25 -9.50 16.04
N ALA B 335 3.21 -8.58 17.00
CA ALA B 335 2.20 -8.57 18.05
C ALA B 335 1.10 -7.60 17.63
N ILE B 336 -0.14 -8.09 17.59
CA ILE B 336 -1.27 -7.29 17.15
C ILE B 336 -2.26 -7.24 18.30
N ILE B 337 -2.35 -6.10 18.95
CA ILE B 337 -3.54 -5.71 19.71
C ILE B 337 -4.43 -4.97 18.74
N ALA B 338 -5.64 -5.47 18.54
CA ALA B 338 -6.63 -4.82 17.69
C ALA B 338 -7.93 -4.73 18.45
N ASN B 339 -8.60 -3.60 18.35
CA ASN B 339 -9.97 -3.49 18.82
C ASN B 339 -10.86 -3.79 17.62
N VAL B 340 -12.01 -4.45 17.87
CA VAL B 340 -13.06 -4.63 16.87
C VAL B 340 -14.42 -4.42 17.53
N HIS B 341 -15.47 -4.49 16.71
CA HIS B 341 -16.83 -4.70 17.18
C HIS B 341 -17.63 -5.34 16.06
N PRO B 342 -18.26 -6.49 16.29
CA PRO B 342 -19.26 -6.98 15.34
C PRO B 342 -20.55 -6.21 15.50
N GLY B 343 -21.27 -6.10 14.40
CA GLY B 343 -22.45 -5.26 14.34
C GLY B 343 -23.62 -6.01 13.74
N SER B 344 -24.78 -5.83 14.37
CA SER B 344 -26.02 -6.37 13.82
C SER B 344 -26.41 -5.66 12.53
N ARG B 345 -26.31 -4.34 12.51
CA ARG B 345 -26.93 -3.54 11.45
C ARG B 345 -26.20 -3.70 10.13
N SER B 346 -24.90 -3.50 10.12
CA SER B 346 -24.11 -3.73 8.92
C SER B 346 -23.46 -5.10 9.04
N PHE B 347 -24.32 -6.13 8.95
CA PHE B 347 -23.89 -7.51 9.11
C PHE B 347 -22.99 -7.95 7.97
N GLY B 348 -23.29 -7.50 6.75
CA GLY B 348 -22.43 -7.81 5.62
C GLY B 348 -21.07 -7.14 5.72
N GLU B 349 -21.03 -5.88 6.17
CA GLU B 349 -19.74 -5.23 6.34
C GLU B 349 -18.99 -5.76 7.54
N THR B 350 -19.69 -6.25 8.57
CA THR B 350 -18.93 -6.88 9.65
C THR B 350 -18.45 -8.27 9.28
N LEU B 351 -19.14 -8.95 8.36
CA LEU B 351 -18.57 -10.12 7.72
C LEU B 351 -17.32 -9.76 6.92
N SER B 352 -17.34 -8.59 6.26
CA SER B 352 -16.14 -8.12 5.58
C SER B 352 -15.00 -7.82 6.55
N THR B 353 -15.32 -7.35 7.77
CA THR B 353 -14.28 -7.15 8.76
C THR B 353 -13.78 -8.46 9.36
N LEU B 354 -14.65 -9.47 9.48
CA LEU B 354 -14.18 -10.77 9.95
C LEU B 354 -13.30 -11.43 8.90
N ASN B 355 -13.65 -11.27 7.62
CA ASN B 355 -12.76 -11.69 6.55
C ASN B 355 -11.48 -10.87 6.53
N PHE B 356 -11.54 -9.60 6.93
CA PHE B 356 -10.31 -8.82 7.08
C PHE B 356 -9.46 -9.35 8.22
N ALA B 357 -10.09 -9.89 9.26
CA ALA B 357 -9.33 -10.54 10.34
C ALA B 357 -8.67 -11.82 9.85
N GLN B 358 -9.36 -12.59 8.98
CA GLN B 358 -8.66 -13.73 8.38
C GLN B 358 -7.55 -13.30 7.43
N ARG B 359 -7.72 -12.18 6.73
CA ARG B 359 -6.65 -11.65 5.88
C ARG B 359 -5.46 -11.22 6.72
N ALA B 360 -5.72 -10.68 7.91
CA ALA B 360 -4.65 -10.41 8.86
C ALA B 360 -4.00 -11.70 9.34
N LYS B 361 -4.79 -12.77 9.50
CA LYS B 361 -4.24 -14.06 9.92
C LYS B 361 -3.30 -14.64 8.87
N LEU B 362 -3.67 -14.54 7.60
CA LEU B 362 -2.78 -14.99 6.53
C LEU B 362 -1.75 -13.92 6.21
PB ADP C . -16.48 4.39 18.42
O1B ADP C . -15.25 4.87 19.16
O2B ADP C . -17.39 5.47 17.90
O3B ADP C . -16.20 3.29 17.43
PA ADP C . -17.37 4.32 21.04
O1A ADP C . -16.12 3.95 21.78
O2A ADP C . -17.76 5.77 20.93
O3A ADP C . -17.34 3.67 19.58
O5' ADP C . -18.58 3.52 21.72
C5' ADP C . -19.92 3.81 21.39
C4' ADP C . -20.76 3.72 22.66
O4' ADP C . -20.67 2.40 23.20
C3' ADP C . -20.25 4.68 23.73
O3' ADP C . -21.38 5.32 24.34
C2' ADP C . -19.60 3.80 24.79
O2' ADP C . -19.81 4.29 26.11
C1' ADP C . -20.25 2.46 24.57
N9 ADP C . -19.26 1.39 24.80
C8 ADP C . -18.17 1.16 24.07
N7 ADP C . -17.45 0.12 24.55
C5 ADP C . -18.10 -0.33 25.64
C6 ADP C . -17.91 -1.41 26.63
N6 ADP C . -16.84 -2.24 26.55
N1 ADP C . -18.83 -1.54 27.61
C2 ADP C . -19.90 -0.73 27.69
N3 ADP C . -20.14 0.27 26.82
C4 ADP C . -19.29 0.51 25.80
MG MG D . -14.57 6.62 18.27
#